data_8CF7
#
_entry.id   8CF7
#
_cell.length_a   87.695
_cell.length_b   50.396
_cell.length_c   140.219
_cell.angle_alpha   90.00
_cell.angle_beta   90.05
_cell.angle_gamma   90.00
#
_symmetry.space_group_name_H-M   'C 1 2 1'
#
loop_
_entity.id
_entity.type
_entity.pdbx_description
1 polymer RSL-R5
2 non-polymer cucurbit[7]uril
3 non-polymer GLYCEROL
4 non-polymer 'SODIUM ION'
5 water water
#
_entity_poly.entity_id   1
_entity_poly.type   'polypeptide(L)'
_entity_poly.pdbx_seq_one_letter_code
;(SNM)SVQTAATSWGTVPSIRVYTANNGRITERCWDG(MLY)GWYTGAFNEPGDNVSVTSWLVGSAIHIRVYASTGTTTT
EWCWDGNGWTRGAYTATN
;
_entity_poly.pdbx_strand_id   A,B,C,D,E,F
#
loop_
_chem_comp.id
_chem_comp.type
_chem_comp.name
_chem_comp.formula
GOL non-polymer GLYCEROL 'C3 H8 O3'
NA non-polymer 'SODIUM ION' 'Na 1'
QQ7 non-polymer cucurbit[7]uril 'C42 H42 N28 O14'
#
# COMPACT_ATOMS: atom_id res chain seq x y z
N SNM A 1 26.96 5.86 -27.81
CA SNM A 1 25.95 4.87 -28.23
CB SNM A 1 26.28 3.46 -27.73
OG SNM A 1 26.07 2.53 -28.79
C SNM A 1 24.51 5.23 -27.94
O SNM A 1 23.72 5.24 -28.92
C1 SNM A 1 26.48 7.23 -28.02
C2 SNM A 1 27.37 5.67 -26.41
N SER A 2 24.11 5.49 -26.69
CA SER A 2 22.73 5.92 -26.46
C SER A 2 22.47 6.72 -25.20
N VAL A 3 21.36 7.46 -25.21
CA VAL A 3 20.89 8.10 -24.00
C VAL A 3 20.57 7.05 -22.93
N GLN A 4 20.53 7.51 -21.69
CA GLN A 4 20.28 6.63 -20.56
C GLN A 4 19.08 7.17 -19.78
N THR A 5 18.15 6.29 -19.41
CA THR A 5 16.94 6.75 -18.74
C THR A 5 16.75 6.08 -17.38
N ALA A 6 15.87 6.70 -16.60
CA ALA A 6 15.38 6.18 -15.34
C ALA A 6 13.92 6.57 -15.24
N ALA A 7 13.11 5.73 -14.61
CA ALA A 7 11.67 5.97 -14.55
C ALA A 7 11.13 5.66 -13.17
N THR A 8 10.11 6.43 -12.78
CA THR A 8 9.37 6.16 -11.56
C THR A 8 7.89 6.46 -11.80
N SER A 9 7.04 5.92 -10.94
CA SER A 9 5.61 6.14 -11.06
C SER A 9 4.97 6.07 -9.69
N TRP A 10 3.78 6.65 -9.56
CA TRP A 10 3.09 6.63 -8.28
C TRP A 10 1.59 6.78 -8.48
N GLY A 11 0.87 6.32 -7.46
CA GLY A 11 -0.57 6.49 -7.40
C GLY A 11 -1.29 5.58 -8.37
N THR A 12 -2.59 5.87 -8.55
CA THR A 12 -3.46 5.01 -9.34
C THR A 12 -3.64 5.46 -10.79
N VAL A 13 -3.35 6.73 -11.10
CA VAL A 13 -3.56 7.22 -12.46
C VAL A 13 -2.77 6.42 -13.50
N PRO A 14 -1.45 6.21 -13.37
CA PRO A 14 -0.55 6.77 -12.37
C PRO A 14 0.06 8.06 -12.90
N SER A 15 0.83 8.73 -12.08
CA SER A 15 1.80 9.67 -12.62
C SER A 15 3.09 8.92 -12.92
N ILE A 16 3.75 9.30 -14.01
CA ILE A 16 5.02 8.71 -14.41
C ILE A 16 6.01 9.85 -14.63
N ARG A 17 7.26 9.63 -14.23
CA ARG A 17 8.35 10.53 -14.59
C ARG A 17 9.47 9.73 -15.22
N VAL A 18 9.96 10.20 -16.36
CA VAL A 18 11.07 9.57 -17.07
C VAL A 18 12.19 10.60 -17.19
N TYR A 19 13.34 10.27 -16.66
CA TYR A 19 14.53 11.11 -16.70
C TYR A 19 15.47 10.59 -17.77
N THR A 20 16.00 11.48 -18.60
CA THR A 20 16.91 11.09 -19.68
C THR A 20 18.21 11.85 -19.59
N ALA A 21 19.31 11.12 -19.43
CA ALA A 21 20.64 11.70 -19.54
C ALA A 21 21.06 11.67 -21.01
N ASN A 22 21.32 12.84 -21.58
CA ASN A 22 21.67 12.97 -22.99
C ASN A 22 22.73 14.05 -23.11
N ASN A 23 23.94 13.66 -23.52
CA ASN A 23 24.96 14.64 -23.86
C ASN A 23 25.34 15.50 -22.67
N GLY A 24 25.31 14.93 -21.47
CA GLY A 24 25.77 15.60 -20.28
C GLY A 24 24.71 16.28 -19.45
N ARG A 25 23.46 16.25 -19.88
N ARG A 25 23.45 16.23 -19.87
N ARG A 25 23.45 16.24 -19.87
CA ARG A 25 22.35 16.90 -19.18
CA ARG A 25 22.37 16.89 -19.15
CA ARG A 25 22.38 16.90 -19.14
C ARG A 25 21.21 15.92 -19.01
C ARG A 25 21.18 15.96 -19.03
C ARG A 25 21.19 15.96 -19.02
N ILE A 26 20.54 15.99 -17.87
CA ILE A 26 19.35 15.19 -17.57
C ILE A 26 18.13 16.09 -17.60
N THR A 27 17.12 15.69 -18.36
CA THR A 27 15.82 16.33 -18.40
C THR A 27 14.73 15.31 -18.08
N GLU A 28 13.50 15.81 -17.95
CA GLU A 28 12.40 15.05 -17.36
C GLU A 28 11.16 15.18 -18.23
N ARG A 29 10.50 14.06 -18.49
CA ARG A 29 9.20 14.04 -19.13
C ARG A 29 8.20 13.43 -18.17
N CYS A 30 6.97 13.94 -18.18
CA CYS A 30 5.99 13.71 -17.15
C CYS A 30 4.67 13.31 -17.76
N TRP A 31 4.01 12.34 -17.14
CA TRP A 31 2.66 11.93 -17.50
C TRP A 31 1.82 11.96 -16.24
N ASP A 32 0.69 12.67 -16.29
CA ASP A 32 -0.26 12.73 -15.18
C ASP A 32 -1.64 12.24 -15.61
N GLY A 33 -1.70 11.44 -16.65
CA GLY A 33 -2.96 10.83 -17.07
C GLY A 33 -3.53 11.31 -18.38
N MLY A 34 -3.05 12.44 -18.90
CA MLY A 34 -3.66 13.03 -20.10
CB MLY A 34 -4.23 14.42 -19.80
CG MLY A 34 -5.10 14.99 -20.93
CD MLY A 34 -5.95 16.19 -20.49
CE MLY A 34 -5.12 17.43 -20.19
NZ MLY A 34 -4.36 17.93 -21.38
CH1 MLY A 34 -5.30 18.27 -22.46
CH2 MLY A 34 -3.67 19.17 -21.00
C MLY A 34 -2.69 13.09 -21.29
O MLY A 34 -3.09 13.04 -22.45
N GLY A 35 -1.42 13.22 -20.99
CA GLY A 35 -0.41 13.38 -22.01
C GLY A 35 0.95 13.64 -21.38
N TRP A 36 1.97 13.66 -22.22
CA TRP A 36 3.34 13.88 -21.78
C TRP A 36 3.75 15.34 -21.92
N TYR A 37 4.48 15.83 -20.94
CA TYR A 37 4.96 17.20 -20.97
C TYR A 37 6.35 17.25 -20.35
N THR A 38 7.07 18.33 -20.60
CA THR A 38 8.42 18.47 -20.08
C THR A 38 8.36 19.01 -18.66
N GLY A 39 9.07 18.32 -17.75
CA GLY A 39 9.06 18.68 -16.36
C GLY A 39 10.10 19.72 -16.00
N ALA A 40 10.06 20.13 -14.74
CA ALA A 40 10.96 21.16 -14.25
C ALA A 40 12.39 20.67 -14.04
N PHE A 41 12.62 19.37 -13.90
CA PHE A 41 13.95 18.89 -13.57
C PHE A 41 14.91 19.10 -14.73
N ASN A 42 16.04 19.73 -14.46
CA ASN A 42 17.07 19.93 -15.48
C ASN A 42 18.40 20.12 -14.75
N GLU A 43 19.27 19.12 -14.81
CA GLU A 43 20.51 19.17 -14.06
C GLU A 43 21.60 18.46 -14.85
N PRO A 44 22.86 18.77 -14.60
CA PRO A 44 23.95 18.06 -15.26
C PRO A 44 23.99 16.59 -14.85
N GLY A 45 24.37 15.74 -15.81
CA GLY A 45 24.57 14.34 -15.53
C GLY A 45 24.72 13.49 -16.77
N ASP A 46 25.56 12.46 -16.66
CA ASP A 46 25.71 11.46 -17.70
C ASP A 46 24.96 10.18 -17.39
N ASN A 47 24.61 9.98 -16.13
CA ASN A 47 23.89 8.82 -15.63
C ASN A 47 22.84 9.29 -14.64
N VAL A 48 21.71 8.57 -14.60
CA VAL A 48 20.61 8.94 -13.72
C VAL A 48 19.95 7.69 -13.15
N SER A 49 19.58 7.77 -11.87
CA SER A 49 18.65 6.82 -11.27
C SER A 49 17.64 7.62 -10.46
N VAL A 50 16.54 6.96 -10.09
CA VAL A 50 15.46 7.66 -9.39
C VAL A 50 14.72 6.69 -8.48
N THR A 51 14.20 7.23 -7.38
CA THR A 51 13.23 6.52 -6.55
C THR A 51 12.23 7.55 -6.04
N SER A 52 11.05 7.07 -5.64
CA SER A 52 10.03 7.99 -5.15
C SER A 52 9.13 7.26 -4.16
N TRP A 53 8.45 8.04 -3.32
CA TRP A 53 7.51 7.49 -2.37
C TRP A 53 6.43 8.53 -2.10
N LEU A 54 5.25 8.03 -1.72
CA LEU A 54 4.14 8.88 -1.32
C LEU A 54 4.05 8.99 0.19
N VAL A 55 3.69 10.18 0.65
CA VAL A 55 3.25 10.40 2.03
C VAL A 55 1.83 10.91 1.87
N GLY A 56 0.84 10.05 2.12
CA GLY A 56 -0.51 10.41 1.70
C GLY A 56 -0.54 10.55 0.19
N SER A 57 -1.02 11.69 -0.29
CA SER A 57 -1.03 11.96 -1.73
C SER A 57 0.16 12.79 -2.19
N ALA A 58 1.06 13.17 -1.28
CA ALA A 58 2.21 14.00 -1.63
C ALA A 58 3.37 13.13 -2.08
N ILE A 59 3.89 13.41 -3.29
CA ILE A 59 5.03 12.66 -3.84
C ILE A 59 6.35 13.27 -3.38
N HIS A 60 7.30 12.40 -3.10
CA HIS A 60 8.68 12.76 -2.84
C HIS A 60 9.54 11.99 -3.82
N ILE A 61 10.42 12.69 -4.53
CA ILE A 61 11.25 12.10 -5.57
C ILE A 61 12.71 12.37 -5.22
N ARG A 62 13.58 11.38 -5.44
CA ARG A 62 15.01 11.54 -5.33
C ARG A 62 15.63 11.08 -6.64
N VAL A 63 16.37 11.98 -7.27
CA VAL A 63 17.08 11.71 -8.52
C VAL A 63 18.56 11.76 -8.23
N TYR A 64 19.29 10.72 -8.64
CA TYR A 64 20.72 10.62 -8.42
C TYR A 64 21.41 10.82 -9.76
N ALA A 65 22.06 11.98 -9.90
CA ALA A 65 22.65 12.42 -11.15
C ALA A 65 24.16 12.32 -11.03
N SER A 66 24.78 11.54 -11.92
CA SER A 66 26.23 11.33 -11.86
C SER A 66 26.90 11.91 -13.09
N THR A 67 28.01 12.60 -12.84
N THR A 67 27.80 12.86 -12.88
CA THR A 67 29.05 12.92 -13.81
CA THR A 67 28.60 13.36 -13.98
C THR A 67 30.38 12.43 -13.28
C THR A 67 29.98 12.72 -13.89
N GLY A 68 31.13 11.72 -14.11
N GLY A 68 30.96 13.29 -14.60
CA GLY A 68 32.34 11.08 -13.63
CA GLY A 68 32.32 12.78 -14.50
C GLY A 68 31.99 10.12 -12.52
C GLY A 68 32.93 12.93 -13.12
N THR A 69 32.46 10.39 -11.31
N THR A 69 32.36 13.77 -12.26
CA THR A 69 32.08 9.58 -10.16
CA THR A 69 32.98 14.12 -10.99
C THR A 69 31.35 10.45 -9.15
C THR A 69 32.24 13.66 -9.74
N THR A 70 30.95 11.65 -9.57
N THR A 70 30.90 13.65 -9.74
CA THR A 70 30.38 12.65 -8.68
CA THR A 70 30.17 13.29 -8.52
C THR A 70 28.87 12.61 -8.84
C THR A 70 28.87 12.59 -8.86
N THR A 71 28.22 12.08 -7.81
CA THR A 71 26.79 11.82 -7.82
C THR A 71 26.14 12.83 -6.90
N THR A 72 25.21 13.59 -7.44
CA THR A 72 24.44 14.58 -6.70
C THR A 72 23.00 14.09 -6.60
N GLU A 73 22.43 14.17 -5.41
CA GLU A 73 21.03 13.87 -5.17
C GLU A 73 20.21 15.13 -5.33
N TRP A 74 19.13 15.04 -6.07
CA TRP A 74 18.18 16.12 -6.24
C TRP A 74 16.84 15.66 -5.69
N CYS A 75 16.19 16.56 -4.95
CA CYS A 75 15.02 16.21 -4.15
C CYS A 75 13.82 17.02 -4.60
N TRP A 76 12.70 16.34 -4.82
CA TRP A 76 11.42 16.99 -4.98
C TRP A 76 10.56 16.62 -3.78
N ASP A 77 10.09 17.63 -3.04
CA ASP A 77 9.25 17.42 -1.87
C ASP A 77 8.04 18.34 -1.93
N GLY A 78 7.63 18.70 -3.13
CA GLY A 78 6.43 19.48 -3.34
C GLY A 78 6.66 20.94 -3.66
N ASN A 79 7.89 21.44 -3.52
CA ASN A 79 8.13 22.88 -3.67
C ASN A 79 9.48 23.14 -4.32
N GLY A 80 9.70 22.54 -5.48
CA GLY A 80 10.89 22.77 -6.26
C GLY A 80 11.98 21.73 -5.99
N TRP A 81 12.91 21.65 -6.93
CA TRP A 81 14.01 20.70 -6.79
C TRP A 81 15.13 21.33 -5.96
N THR A 82 15.62 20.59 -4.97
CA THR A 82 16.66 21.05 -4.07
C THR A 82 17.76 20.01 -3.99
N ARG A 83 18.97 20.47 -3.65
N ARG A 83 18.97 20.47 -3.65
CA ARG A 83 20.09 19.55 -3.52
CA ARG A 83 20.10 19.57 -3.50
C ARG A 83 19.97 18.79 -2.21
C ARG A 83 19.96 18.79 -2.21
N GLY A 84 20.11 17.46 -2.29
CA GLY A 84 19.99 16.62 -1.12
C GLY A 84 21.31 16.38 -0.41
N ALA A 85 21.21 15.75 0.75
CA ALA A 85 22.36 15.49 1.61
C ALA A 85 23.21 14.31 1.16
N TYR A 86 22.80 13.55 0.14
CA TYR A 86 23.56 12.38 -0.26
C TYR A 86 25.01 12.72 -0.52
N THR A 87 25.90 11.88 0.00
CA THR A 87 27.30 11.86 -0.41
C THR A 87 27.68 10.41 -0.68
N ALA A 88 28.62 10.21 -1.60
CA ALA A 88 28.97 8.86 -2.02
C ALA A 88 29.88 8.15 -1.03
N THR A 89 30.61 8.90 -0.21
CA THR A 89 31.46 8.32 0.83
C THR A 89 31.43 9.22 2.05
N SNM B 1 32.88 -2.54 -21.54
CA SNM B 1 31.51 -2.88 -22.00
CB SNM B 1 31.55 -3.26 -23.48
OG SNM B 1 30.26 -3.03 -24.07
C SNM B 1 30.81 -3.97 -21.22
O SNM B 1 31.37 -5.06 -20.98
C1 SNM B 1 33.87 -3.60 -21.83
C2 SNM B 1 32.87 -2.24 -20.10
N SER B 2 29.57 -3.70 -20.80
CA SER B 2 28.76 -4.72 -20.13
C SER B 2 27.29 -4.56 -20.44
N VAL B 3 26.53 -5.63 -20.27
CA VAL B 3 25.09 -5.52 -20.43
C VAL B 3 24.53 -4.55 -19.39
N GLN B 4 23.35 -4.04 -19.67
CA GLN B 4 22.69 -3.07 -18.80
C GLN B 4 21.32 -3.61 -18.43
N THR B 5 20.96 -3.54 -17.15
CA THR B 5 19.70 -4.11 -16.70
C THR B 5 18.80 -3.08 -16.02
N ALA B 6 17.53 -3.45 -15.91
CA ALA B 6 16.53 -2.71 -15.15
C ALA B 6 15.62 -3.76 -14.52
N ALA B 7 15.09 -3.46 -13.35
CA ALA B 7 14.29 -4.43 -12.61
C ALA B 7 13.07 -3.78 -11.98
N THR B 8 11.99 -4.55 -11.90
CA THR B 8 10.79 -4.14 -11.19
C THR B 8 10.21 -5.35 -10.50
N SER B 9 9.35 -5.09 -9.51
CA SER B 9 8.72 -6.18 -8.78
C SER B 9 7.37 -5.69 -8.28
N TRP B 10 6.49 -6.65 -7.97
CA TRP B 10 5.19 -6.29 -7.47
C TRP B 10 4.59 -7.40 -6.62
N GLY B 11 3.66 -7.00 -5.75
CA GLY B 11 2.89 -7.93 -4.94
C GLY B 11 3.72 -8.52 -3.82
N THR B 12 3.18 -9.59 -3.24
CA THR B 12 3.73 -10.20 -2.05
C THR B 12 4.61 -11.41 -2.33
N VAL B 13 4.46 -12.06 -3.49
CA VAL B 13 5.24 -13.26 -3.78
C VAL B 13 6.74 -13.01 -3.72
N PRO B 14 7.31 -12.02 -4.41
CA PRO B 14 6.70 -11.12 -5.38
C PRO B 14 6.86 -11.69 -6.78
N SER B 15 6.28 -11.04 -7.77
CA SER B 15 6.77 -11.21 -9.13
C SER B 15 7.91 -10.22 -9.37
N ILE B 16 8.91 -10.66 -10.12
CA ILE B 16 10.05 -9.83 -10.49
C ILE B 16 10.21 -9.90 -12.01
N ARG B 17 10.55 -8.77 -12.62
CA ARG B 17 10.94 -8.75 -14.02
C ARG B 17 12.28 -8.04 -14.14
N VAL B 18 13.23 -8.67 -14.85
CA VAL B 18 14.54 -8.11 -15.08
C VAL B 18 14.72 -7.98 -16.59
N TYR B 19 14.96 -6.77 -17.05
CA TYR B 19 15.18 -6.48 -18.47
C TYR B 19 16.68 -6.30 -18.70
N THR B 20 17.22 -6.92 -19.74
CA THR B 20 18.64 -6.81 -20.05
C THR B 20 18.84 -6.30 -21.47
N ALA B 21 19.53 -5.18 -21.61
CA ALA B 21 19.98 -4.70 -22.91
C ALA B 21 21.34 -5.31 -23.19
N ASN B 22 21.44 -6.05 -24.28
CA ASN B 22 22.66 -6.77 -24.64
C ASN B 22 22.81 -6.71 -26.15
N ASN B 23 23.85 -6.04 -26.62
CA ASN B 23 24.18 -6.07 -28.04
C ASN B 23 23.05 -5.55 -28.91
N GLY B 24 22.32 -4.55 -28.41
CA GLY B 24 21.30 -3.87 -29.18
C GLY B 24 19.88 -4.36 -29.01
N ARG B 25 19.66 -5.40 -28.20
N ARG B 25 19.66 -5.39 -28.19
N ARG B 25 19.65 -5.37 -28.18
CA ARG B 25 18.33 -5.96 -27.99
CA ARG B 25 18.33 -5.95 -27.99
CA ARG B 25 18.33 -5.94 -27.99
C ARG B 25 18.09 -6.11 -26.49
C ARG B 25 18.07 -6.15 -26.50
C ARG B 25 18.07 -6.15 -26.50
N ILE B 26 16.85 -5.85 -26.08
CA ILE B 26 16.40 -6.01 -24.70
C ILE B 26 15.51 -7.23 -24.63
N THR B 27 15.82 -8.13 -23.71
CA THR B 27 14.99 -9.27 -23.37
C THR B 27 14.66 -9.25 -21.88
N GLU B 28 13.81 -10.19 -21.47
CA GLU B 28 13.15 -10.14 -20.17
C GLU B 28 13.23 -11.51 -19.51
N ARG B 29 13.57 -11.52 -18.22
CA ARG B 29 13.50 -12.72 -17.41
C ARG B 29 12.53 -12.45 -16.27
N CYS B 30 11.79 -13.49 -15.88
CA CYS B 30 10.61 -13.36 -15.03
C CYS B 30 10.67 -14.36 -13.91
N TRP B 31 10.29 -13.92 -12.72
CA TRP B 31 10.12 -14.79 -11.56
C TRP B 31 8.72 -14.55 -11.01
N ASP B 32 7.96 -15.63 -10.84
CA ASP B 32 6.64 -15.56 -10.23
C ASP B 32 6.55 -16.45 -8.99
N GLY B 33 7.67 -16.73 -8.35
CA GLY B 33 7.66 -17.46 -7.10
C GLY B 33 8.25 -18.86 -7.15
N MLY B 34 8.43 -19.43 -8.35
CA MLY B 34 8.88 -20.81 -8.45
CA MLY B 34 8.88 -20.81 -8.45
CB MLY B 34 7.82 -21.67 -9.16
CB MLY B 34 7.82 -21.66 -9.17
CG MLY B 34 8.13 -23.17 -9.14
CG MLY B 34 7.89 -23.15 -8.87
CD MLY B 34 6.90 -24.05 -9.44
CD MLY B 34 6.79 -23.92 -9.57
CE MLY B 34 6.49 -24.00 -10.90
CE MLY B 34 6.93 -23.85 -11.08
NZ MLY B 34 7.60 -24.40 -11.83
NZ MLY B 34 7.05 -25.18 -11.75
CH1 MLY B 34 7.98 -25.80 -11.60
CH1 MLY B 34 7.96 -25.04 -12.90
CH2 MLY B 34 7.08 -24.33 -13.20
CH2 MLY B 34 7.69 -26.15 -10.84
C MLY B 34 10.23 -20.95 -9.16
O MLY B 34 11.01 -21.86 -8.87
N GLY B 35 10.50 -20.07 -10.10
CA GLY B 35 11.71 -20.13 -10.88
C GLY B 35 11.71 -19.03 -11.92
N TRP B 36 12.82 -18.91 -12.63
CA TRP B 36 13.02 -17.89 -13.65
C TRP B 36 12.71 -18.45 -15.04
N TYR B 37 12.05 -17.64 -15.84
CA TYR B 37 11.73 -18.02 -17.21
C TYR B 37 11.84 -16.80 -18.11
N THR B 38 11.94 -17.04 -19.40
CA THR B 38 12.08 -15.95 -20.36
C THR B 38 10.72 -15.37 -20.70
N GLY B 39 10.59 -14.05 -20.58
CA GLY B 39 9.34 -13.37 -20.80
C GLY B 39 9.11 -13.02 -22.25
N ALA B 40 7.93 -12.47 -22.50
CA ALA B 40 7.52 -12.13 -23.85
C ALA B 40 8.20 -10.86 -24.38
N PHE B 41 8.73 -10.00 -23.51
CA PHE B 41 9.27 -8.73 -23.98
C PHE B 41 10.54 -8.95 -24.78
N ASN B 42 10.58 -8.40 -26.00
CA ASN B 42 11.78 -8.47 -26.84
C ASN B 42 11.72 -7.30 -27.80
N GLU B 43 12.58 -6.30 -27.59
CA GLU B 43 12.54 -5.09 -28.41
C GLU B 43 13.95 -4.56 -28.56
N PRO B 44 14.21 -3.77 -29.61
CA PRO B 44 15.52 -3.15 -29.76
C PRO B 44 15.81 -2.16 -28.65
N GLY B 45 17.09 -2.08 -28.28
CA GLY B 45 17.51 -1.08 -27.34
C GLY B 45 18.90 -1.32 -26.81
N ASP B 46 19.62 -0.23 -26.56
CA ASP B 46 20.92 -0.29 -25.90
C ASP B 46 20.84 0.05 -24.43
N ASN B 47 19.75 0.68 -24.00
CA ASN B 47 19.54 1.10 -22.63
C ASN B 47 18.09 0.85 -22.28
N VAL B 48 17.85 0.51 -21.01
CA VAL B 48 16.49 0.20 -20.57
C VAL B 48 16.24 0.73 -19.17
N SER B 49 15.03 1.23 -18.96
CA SER B 49 14.51 1.49 -17.61
C SER B 49 13.08 0.97 -17.56
N VAL B 50 12.56 0.82 -16.35
CA VAL B 50 11.24 0.24 -16.16
C VAL B 50 10.58 0.82 -14.92
N THR B 51 9.24 0.89 -14.96
CA THR B 51 8.44 1.13 -13.78
C THR B 51 7.16 0.32 -13.92
N SER B 52 6.50 0.06 -12.80
CA SER B 52 5.27 -0.73 -12.84
C SER B 52 4.37 -0.33 -11.68
N TRP B 53 3.08 -0.62 -11.82
CA TRP B 53 2.13 -0.34 -10.75
C TRP B 53 1.00 -1.35 -10.85
N LEU B 54 0.36 -1.60 -9.71
CA LEU B 54 -0.80 -2.48 -9.64
C LEU B 54 -2.08 -1.66 -9.62
N VAL B 55 -3.09 -2.18 -10.31
CA VAL B 55 -4.47 -1.73 -10.16
C VAL B 55 -5.20 -2.97 -9.65
N GLY B 56 -5.50 -3.00 -8.35
CA GLY B 56 -5.91 -4.26 -7.77
C GLY B 56 -4.79 -5.28 -7.90
N SER B 57 -5.11 -6.43 -8.48
CA SER B 57 -4.10 -7.45 -8.75
C SER B 57 -3.53 -7.39 -10.16
N ALA B 58 -3.98 -6.45 -10.98
CA ALA B 58 -3.53 -6.35 -12.37
C ALA B 58 -2.26 -5.50 -12.45
N ILE B 59 -1.19 -6.06 -13.03
CA ILE B 59 0.07 -5.32 -13.19
C ILE B 59 0.05 -4.52 -14.49
N HIS B 60 0.61 -3.33 -14.41
CA HIS B 60 0.88 -2.49 -15.56
C HIS B 60 2.37 -2.17 -15.55
N ILE B 61 3.04 -2.39 -16.68
CA ILE B 61 4.48 -2.20 -16.79
C ILE B 61 4.76 -1.22 -17.91
N ARG B 62 5.73 -0.33 -17.70
CA ARG B 62 6.24 0.55 -18.75
C ARG B 62 7.74 0.37 -18.83
N VAL B 63 8.21 0.00 -20.02
CA VAL B 63 9.62 -0.19 -20.29
C VAL B 63 10.06 0.88 -21.27
N TYR B 64 11.14 1.59 -20.94
CA TYR B 64 11.65 2.67 -21.78
C TYR B 64 12.94 2.18 -22.41
N ALA B 65 12.89 1.94 -23.73
CA ALA B 65 13.96 1.31 -24.49
C ALA B 65 14.60 2.39 -25.36
N SER B 66 15.90 2.61 -25.18
CA SER B 66 16.60 3.66 -25.92
C SER B 66 17.68 3.13 -26.82
N THR B 67 17.76 3.73 -28.01
N THR B 67 17.75 3.71 -28.03
CA THR B 67 18.88 3.59 -28.94
CA THR B 67 18.85 3.61 -28.96
C THR B 67 19.20 4.97 -29.47
C THR B 67 19.19 5.00 -29.45
N GLY B 68 20.48 5.34 -29.48
CA GLY B 68 20.85 6.70 -29.85
C GLY B 68 20.24 7.66 -28.84
N THR B 69 19.45 8.63 -29.29
CA THR B 69 18.65 9.37 -28.32
C THR B 69 17.17 9.05 -28.49
N THR B 70 16.85 7.94 -29.14
CA THR B 70 15.48 7.58 -29.44
C THR B 70 14.98 6.59 -28.40
N THR B 71 14.00 7.02 -27.62
CA THR B 71 13.44 6.24 -26.53
C THR B 71 12.02 5.89 -26.88
N THR B 72 11.70 4.60 -26.87
CA THR B 72 10.37 4.09 -27.13
C THR B 72 9.83 3.50 -25.84
N GLU B 73 8.59 3.85 -25.51
CA GLU B 73 7.89 3.27 -24.38
C GLU B 73 7.11 2.04 -24.83
N TRP B 74 7.26 0.96 -24.09
CA TRP B 74 6.52 -0.28 -24.31
C TRP B 74 5.66 -0.55 -23.09
N CYS B 75 4.42 -0.94 -23.34
CA CYS B 75 3.39 -1.01 -22.31
C CYS B 75 2.87 -2.43 -22.20
N TRP B 76 2.81 -2.92 -20.96
CA TRP B 76 2.09 -4.14 -20.63
C TRP B 76 0.91 -3.76 -19.77
N ASP B 77 -0.29 -4.09 -20.23
CA ASP B 77 -1.53 -3.81 -19.51
C ASP B 77 -2.41 -5.06 -19.45
N GLY B 78 -1.79 -6.22 -19.47
CA GLY B 78 -2.49 -7.48 -19.33
C GLY B 78 -2.71 -8.24 -20.62
N ASN B 79 -2.47 -7.64 -21.78
CA ASN B 79 -2.83 -8.26 -23.04
C ASN B 79 -1.81 -7.96 -24.13
N GLY B 80 -0.54 -8.23 -23.84
CA GLY B 80 0.52 -8.08 -24.80
C GLY B 80 1.22 -6.73 -24.68
N TRP B 81 2.42 -6.66 -25.23
CA TRP B 81 3.21 -5.44 -25.20
C TRP B 81 2.80 -4.55 -26.36
N THR B 82 2.52 -3.28 -26.07
CA THR B 82 2.09 -2.31 -27.07
C THR B 82 2.95 -1.06 -26.98
N ARG B 83 3.06 -0.33 -28.08
CA ARG B 83 3.85 0.89 -28.09
C ARG B 83 3.07 2.00 -27.39
N GLY B 84 3.73 2.69 -26.45
CA GLY B 84 3.08 3.74 -25.69
C GLY B 84 3.22 5.11 -26.34
N ALA B 85 2.51 6.07 -25.74
CA ALA B 85 2.44 7.44 -26.24
C ALA B 85 3.67 8.28 -25.89
N TYR B 86 4.60 7.77 -25.08
CA TYR B 86 5.76 8.56 -24.67
C TYR B 86 6.47 9.15 -25.88
N THR B 87 6.80 10.43 -25.78
CA THR B 87 7.76 11.07 -26.66
C THR B 87 8.74 11.85 -25.80
N ALA B 88 9.98 11.94 -26.28
CA ALA B 88 11.02 12.62 -25.52
C ALA B 88 10.89 14.14 -25.56
N THR B 89 10.26 14.68 -26.60
CA THR B 89 9.99 16.10 -26.70
C THR B 89 8.64 16.32 -27.34
N SNM C 1 32.96 6.17 -19.20
CA SNM C 1 32.73 7.48 -18.55
CB SNM C 1 31.70 8.32 -19.33
OG SNM C 1 31.91 9.70 -19.04
C SNM C 1 32.30 7.36 -17.12
O SNM C 1 33.04 6.77 -16.30
C1 SNM C 1 33.87 6.37 -20.34
C2 SNM C 1 31.69 5.60 -19.67
N SER C 2 31.12 7.88 -16.80
CA SER C 2 30.72 8.11 -15.42
C SER C 2 30.34 6.86 -14.62
N VAL C 3 30.31 6.98 -13.29
CA VAL C 3 29.74 5.91 -12.48
C VAL C 3 28.27 5.73 -12.84
N GLN C 4 27.74 4.58 -12.47
CA GLN C 4 26.36 4.23 -12.78
CA GLN C 4 26.37 4.17 -12.79
CA GLN C 4 26.36 4.22 -12.78
C GLN C 4 25.67 3.83 -11.48
N THR C 5 24.46 4.37 -11.27
CA THR C 5 23.76 4.12 -10.02
C THR C 5 22.40 3.48 -10.22
N ALA C 6 21.89 2.93 -9.12
CA ALA C 6 20.53 2.42 -9.02
C ALA C 6 20.04 2.74 -7.62
N ALA C 7 18.75 2.99 -7.48
CA ALA C 7 18.20 3.42 -6.20
C ALA C 7 16.89 2.73 -5.91
N THR C 8 16.65 2.48 -4.62
CA THR C 8 15.37 1.97 -4.17
C THR C 8 15.04 2.60 -2.82
N SER C 9 13.78 2.55 -2.44
CA SER C 9 13.34 3.12 -1.18
C SER C 9 12.12 2.36 -0.68
N TRP C 10 11.88 2.46 0.62
CA TRP C 10 10.72 1.78 1.19
C TRP C 10 10.25 2.47 2.46
N GLY C 11 8.99 2.21 2.77
CA GLY C 11 8.41 2.64 4.03
C GLY C 11 8.12 4.12 4.07
N THR C 12 7.84 4.61 5.27
CA THR C 12 7.38 5.99 5.46
C THR C 12 8.52 6.97 5.75
N VAL C 13 9.65 6.49 6.26
CA VAL C 13 10.72 7.40 6.67
C VAL C 13 11.23 8.28 5.52
N PRO C 14 11.63 7.74 4.36
CA PRO C 14 11.76 6.33 4.02
C PRO C 14 13.18 5.88 4.31
N SER C 15 13.43 4.59 4.14
CA SER C 15 14.80 4.14 3.93
C SER C 15 15.10 4.22 2.43
N ILE C 16 16.32 4.59 2.11
CA ILE C 16 16.80 4.68 0.74
C ILE C 16 18.10 3.89 0.64
N ARG C 17 18.29 3.18 -0.47
CA ARG C 17 19.58 2.56 -0.78
C ARG C 17 19.99 2.98 -2.19
N VAL C 18 21.22 3.45 -2.31
CA VAL C 18 21.79 3.85 -3.60
C VAL C 18 23.00 2.97 -3.85
N TYR C 19 22.99 2.25 -4.97
CA TYR C 19 24.10 1.38 -5.38
C TYR C 19 24.87 2.08 -6.49
N THR C 20 26.20 2.10 -6.38
CA THR C 20 27.05 2.75 -7.38
C THR C 20 28.06 1.76 -7.94
N ALA C 21 28.02 1.57 -9.25
CA ALA C 21 29.05 0.81 -9.96
C ALA C 21 30.14 1.78 -10.36
N ASN C 22 31.36 1.52 -9.88
CA ASN C 22 32.50 2.42 -10.12
C ASN C 22 33.73 1.56 -10.31
N ASN C 23 34.30 1.56 -11.50
CA ASN C 23 35.59 0.91 -11.72
C ASN C 23 35.54 -0.59 -11.44
N GLY C 24 34.40 -1.21 -11.75
CA GLY C 24 34.27 -2.65 -11.65
C GLY C 24 33.69 -3.18 -10.36
N ARG C 25 33.37 -2.33 -9.40
CA ARG C 25 32.83 -2.73 -8.12
C ARG C 25 31.61 -1.89 -7.79
N ILE C 26 30.61 -2.53 -7.19
CA ILE C 26 29.38 -1.89 -6.74
C ILE C 26 29.40 -1.81 -5.22
N THR C 27 29.18 -0.61 -4.69
CA THR C 27 29.01 -0.36 -3.28
C THR C 27 27.68 0.33 -3.03
N GLU C 28 27.35 0.50 -1.75
CA GLU C 28 26.00 0.85 -1.31
C GLU C 28 26.07 1.97 -0.29
N ARG C 29 25.22 2.98 -0.45
CA ARG C 29 25.02 4.02 0.56
C ARG C 29 23.57 3.98 1.00
N CYS C 30 23.36 4.23 2.29
CA CYS C 30 22.10 3.94 2.96
C CYS C 30 21.64 5.16 3.73
N TRP C 31 20.34 5.43 3.68
CA TRP C 31 19.70 6.46 4.47
C TRP C 31 18.54 5.81 5.20
N ASP C 32 18.50 5.96 6.53
CA ASP C 32 17.41 5.46 7.35
C ASP C 32 16.73 6.58 8.13
N GLY C 33 16.84 7.81 7.66
CA GLY C 33 16.16 8.93 8.27
C GLY C 33 17.04 9.96 8.97
N MLY C 34 18.29 9.61 9.27
CA MLY C 34 19.15 10.48 10.06
CA MLY C 34 19.15 10.48 10.06
CB MLY C 34 19.57 9.81 11.37
CB MLY C 34 19.58 9.79 11.35
CG MLY C 34 20.31 10.74 12.34
CG MLY C 34 20.11 10.73 12.43
CD MLY C 34 20.35 10.20 13.78
CD MLY C 34 20.44 9.99 13.72
CE MLY C 34 21.29 9.02 13.94
CE MLY C 34 21.58 8.99 13.53
NZ MLY C 34 22.68 9.33 13.50
NZ MLY C 34 22.78 9.25 14.40
CH1 MLY C 34 23.27 10.37 14.37
CH1 MLY C 34 23.98 8.83 13.65
CH2 MLY C 34 23.49 8.11 13.69
CH2 MLY C 34 22.91 10.69 14.66
C MLY C 34 20.39 10.96 9.29
O MLY C 34 20.89 12.06 9.53
N GLY C 35 20.88 10.14 8.38
CA GLY C 35 22.07 10.46 7.64
C GLY C 35 22.44 9.29 6.74
N TRP C 36 23.45 9.52 5.91
CA TRP C 36 23.94 8.53 4.97
C TRP C 36 25.13 7.76 5.54
N TYR C 37 25.14 6.45 5.31
CA TYR C 37 26.24 5.62 5.75
C TYR C 37 26.51 4.54 4.70
N THR C 38 27.67 3.93 4.79
CA THR C 38 28.05 2.89 3.83
C THR C 38 27.47 1.56 4.24
N GLY C 39 26.77 0.92 3.31
CA GLY C 39 26.10 -0.34 3.57
C GLY C 39 27.00 -1.54 3.40
N ALA C 40 26.44 -2.70 3.73
CA ALA C 40 27.20 -3.93 3.67
C ALA C 40 27.41 -4.45 2.25
N PHE C 41 26.60 -4.02 1.28
CA PHE C 41 26.70 -4.59 -0.06
C PHE C 41 28.00 -4.17 -0.73
N ASN C 42 28.76 -5.15 -1.22
CA ASN C 42 29.99 -4.86 -1.96
C ASN C 42 30.24 -6.06 -2.86
N GLU C 43 30.04 -5.89 -4.16
CA GLU C 43 30.18 -7.01 -5.09
C GLU C 43 30.73 -6.50 -6.41
N PRO C 44 31.34 -7.36 -7.21
CA PRO C 44 31.80 -6.94 -8.54
C PRO C 44 30.65 -6.56 -9.44
N GLY C 45 30.91 -5.56 -10.28
CA GLY C 45 29.95 -5.21 -11.31
C GLY C 45 30.28 -3.90 -12.00
N ASP C 46 29.99 -3.83 -13.29
CA ASP C 46 30.05 -2.60 -14.06
C ASP C 46 28.70 -1.91 -14.22
N ASN C 47 27.62 -2.65 -13.98
CA ASN C 47 26.27 -2.14 -14.13
CA ASN C 47 26.27 -2.12 -14.11
C ASN C 47 25.43 -2.71 -12.99
N VAL C 48 24.46 -1.93 -12.53
CA VAL C 48 23.62 -2.34 -11.42
C VAL C 48 22.18 -1.91 -11.62
N SER C 49 21.24 -2.76 -11.24
CA SER C 49 19.85 -2.37 -11.07
C SER C 49 19.37 -2.98 -9.76
N VAL C 50 18.24 -2.50 -9.27
CA VAL C 50 17.73 -2.93 -7.97
C VAL C 50 16.21 -2.86 -7.94
N THR C 51 15.60 -3.76 -7.17
CA THR C 51 14.20 -3.64 -6.79
C THR C 51 14.06 -4.14 -5.36
N SER C 52 12.98 -3.72 -4.69
CA SER C 52 12.78 -4.14 -3.32
C SER C 52 11.29 -4.19 -3.02
N TRP C 53 10.93 -4.94 -1.99
CA TRP C 53 9.54 -5.02 -1.55
C TRP C 53 9.52 -5.30 -0.06
N LEU C 54 8.43 -4.87 0.58
CA LEU C 54 8.20 -5.13 2.00
C LEU C 54 7.27 -6.32 2.17
N VAL C 55 7.57 -7.11 3.20
CA VAL C 55 6.62 -8.10 3.72
C VAL C 55 6.37 -7.65 5.14
N GLY C 56 5.23 -7.03 5.40
CA GLY C 56 5.10 -6.31 6.66
C GLY C 56 6.13 -5.21 6.74
N SER C 57 6.93 -5.20 7.80
CA SER C 57 7.99 -4.23 7.95
C SER C 57 9.35 -4.75 7.48
N ALA C 58 9.42 -6.00 7.03
CA ALA C 58 10.69 -6.61 6.63
C ALA C 58 10.98 -6.31 5.17
N ILE C 59 12.15 -5.70 4.90
CA ILE C 59 12.56 -5.39 3.53
C ILE C 59 13.24 -6.58 2.87
N HIS C 60 12.96 -6.75 1.60
CA HIS C 60 13.65 -7.70 0.75
C HIS C 60 14.19 -6.93 -0.44
N ILE C 61 15.48 -7.08 -0.73
CA ILE C 61 16.14 -6.33 -1.80
C ILE C 61 16.76 -7.33 -2.77
N ARG C 62 16.67 -7.01 -4.08
CA ARG C 62 17.36 -7.77 -5.12
C ARG C 62 18.19 -6.79 -5.93
N VAL C 63 19.48 -7.04 -5.98
CA VAL C 63 20.43 -6.25 -6.74
C VAL C 63 20.96 -7.11 -7.88
N TYR C 64 20.90 -6.58 -9.09
CA TYR C 64 21.35 -7.29 -10.29
C TYR C 64 22.65 -6.64 -10.75
N ALA C 65 23.75 -7.35 -10.57
CA ALA C 65 25.09 -6.84 -10.82
C ALA C 65 25.64 -7.49 -12.08
N SER C 66 26.02 -6.68 -13.06
CA SER C 66 26.48 -7.23 -14.32
C SER C 66 27.90 -6.84 -14.65
N THR C 67 28.65 -7.81 -15.18
N THR C 67 28.63 -7.80 -15.22
CA THR C 67 29.92 -7.61 -15.84
CA THR C 67 29.93 -7.58 -15.85
C THR C 67 29.90 -8.36 -17.16
C THR C 67 29.92 -8.35 -17.15
N GLY C 68 30.38 -7.72 -18.22
CA GLY C 68 30.28 -8.33 -19.53
C GLY C 68 28.82 -8.55 -19.84
N THR C 69 28.43 -9.81 -20.02
CA THR C 69 27.02 -10.13 -20.15
C THR C 69 26.58 -11.06 -19.03
N THR C 70 27.38 -11.14 -17.95
CA THR C 70 27.10 -12.02 -16.83
C THR C 70 26.47 -11.20 -15.71
N THR C 71 25.23 -11.54 -15.37
CA THR C 71 24.45 -10.83 -14.36
C THR C 71 24.22 -11.76 -13.19
N THR C 72 24.61 -11.31 -12.00
CA THR C 72 24.42 -12.05 -10.76
C THR C 72 23.40 -11.31 -9.90
N GLU C 73 22.43 -12.05 -9.37
CA GLU C 73 21.46 -11.50 -8.45
C GLU C 73 21.98 -11.67 -7.03
N TRP C 74 21.90 -10.60 -6.26
CA TRP C 74 22.25 -10.61 -4.84
C TRP C 74 21.00 -10.29 -4.05
N CYS C 75 20.79 -11.02 -2.96
CA CYS C 75 19.54 -10.98 -2.22
C CYS C 75 19.78 -10.54 -0.78
N TRP C 76 18.99 -9.58 -0.33
CA TRP C 76 18.89 -9.24 1.09
C TRP C 76 17.52 -9.64 1.57
N ASP C 77 17.48 -10.50 2.58
CA ASP C 77 16.22 -10.96 3.16
C ASP C 77 16.27 -10.88 4.68
N GLY C 78 17.04 -9.94 5.20
CA GLY C 78 17.13 -9.69 6.62
C GLY C 78 18.37 -10.25 7.30
N ASN C 79 19.15 -11.08 6.62
CA ASN C 79 20.21 -11.85 7.29
C ASN C 79 21.43 -11.98 6.39
N GLY C 80 21.87 -10.86 5.81
CA GLY C 80 23.06 -10.85 4.98
C GLY C 80 22.74 -11.00 3.50
N TRP C 81 23.71 -10.60 2.68
CA TRP C 81 23.55 -10.70 1.23
C TRP C 81 23.93 -12.11 0.77
N THR C 82 23.06 -12.71 -0.04
CA THR C 82 23.25 -14.06 -0.55
C THR C 82 23.05 -14.07 -2.06
N ARG C 83 23.68 -15.04 -2.72
N ARG C 83 23.67 -15.04 -2.72
CA ARG C 83 23.54 -15.17 -4.16
CA ARG C 83 23.53 -15.18 -4.17
C ARG C 83 22.17 -15.75 -4.50
C ARG C 83 22.17 -15.75 -4.50
N GLY C 84 21.46 -15.09 -5.42
CA GLY C 84 20.14 -15.53 -5.81
C GLY C 84 20.15 -16.51 -6.97
N ALA C 85 18.96 -17.06 -7.23
CA ALA C 85 18.77 -18.06 -8.26
C ALA C 85 18.70 -17.50 -9.68
N TYR C 86 18.69 -16.17 -9.85
CA TYR C 86 18.56 -15.59 -11.18
C TYR C 86 19.60 -16.16 -12.13
N THR C 87 19.14 -16.52 -13.32
CA THR C 87 20.00 -16.80 -14.46
C THR C 87 19.46 -16.05 -15.66
N ALA C 88 20.36 -15.65 -16.56
CA ALA C 88 19.98 -14.78 -17.67
C ALA C 88 19.29 -15.54 -18.79
N THR C 89 19.60 -16.83 -18.97
CA THR C 89 18.97 -17.66 -19.98
C THR C 89 18.76 -19.06 -19.40
N ASN C 90 18.13 -19.92 -20.19
CA ASN C 90 17.88 -21.29 -19.80
C ASN C 90 19.19 -22.06 -19.67
N SNM D 1 -27.71 -5.63 28.18
CA SNM D 1 -27.46 -7.08 28.02
CB SNM D 1 -28.35 -7.68 26.94
OG SNM D 1 -28.17 -9.09 26.91
C SNM D 1 -26.02 -7.31 27.71
O SNM D 1 -25.45 -8.35 28.12
C1 SNM D 1 -27.18 -5.19 29.49
C2 SNM D 1 -29.14 -5.31 28.11
N SER D 2 -25.38 -6.39 26.98
CA SER D 2 -23.93 -6.43 26.86
C SER D 2 -23.30 -5.10 26.44
N VAL D 3 -22.02 -4.93 26.82
CA VAL D 3 -21.28 -3.81 26.29
C VAL D 3 -21.16 -3.94 24.77
N GLN D 4 -20.84 -2.83 24.13
CA GLN D 4 -20.75 -2.80 22.68
C GLN D 4 -19.37 -2.27 22.29
N THR D 5 -18.70 -2.92 21.34
CA THR D 5 -17.35 -2.52 21.01
C THR D 5 -17.20 -2.16 19.53
N ALA D 6 -16.11 -1.46 19.26
CA ALA D 6 -15.66 -1.17 17.91
C ALA D 6 -14.14 -1.26 17.91
N ALA D 7 -13.55 -1.67 16.79
CA ALA D 7 -12.10 -1.89 16.75
C ALA D 7 -11.52 -1.37 15.44
N THR D 8 -10.28 -0.88 15.53
CA THR D 8 -9.54 -0.48 14.36
C THR D 8 -8.07 -0.87 14.57
N SER D 9 -7.32 -0.93 13.48
CA SER D 9 -5.91 -1.29 13.56
C SER D 9 -5.18 -0.64 12.40
N TRP D 10 -3.87 -0.49 12.57
CA TRP D 10 -3.06 0.11 11.51
C TRP D 10 -1.61 -0.35 11.58
N GLY D 11 -0.96 -0.24 10.42
CA GLY D 11 0.47 -0.46 10.33
C GLY D 11 0.84 -1.93 10.40
N THR D 12 2.14 -2.18 10.60
CA THR D 12 2.69 -3.53 10.52
C THR D 12 2.70 -4.27 11.85
N VAL D 13 2.74 -3.53 12.97
CA VAL D 13 2.93 -4.17 14.27
C VAL D 13 1.83 -5.17 14.62
N PRO D 14 0.54 -4.83 14.56
CA PRO D 14 -0.04 -3.52 14.27
C PRO D 14 -0.29 -2.79 15.58
N SER D 15 -0.75 -1.55 15.48
CA SER D 15 -1.44 -0.94 16.60
C SER D 15 -2.92 -1.29 16.47
N ILE D 16 -3.56 -1.52 17.61
CA ILE D 16 -4.99 -1.84 17.68
C ILE D 16 -5.61 -0.89 18.70
N ARG D 17 -6.81 -0.41 18.40
CA ARG D 17 -7.62 0.32 19.38
C ARG D 17 -8.99 -0.32 19.46
N VAL D 18 -9.45 -0.59 20.67
CA VAL D 18 -10.76 -1.17 20.93
C VAL D 18 -11.53 -0.19 21.79
N TYR D 19 -12.68 0.26 21.30
CA TYR D 19 -13.55 1.19 22.01
C TYR D 19 -14.72 0.40 22.59
N THR D 20 -15.04 0.63 23.88
CA THR D 20 -16.13 -0.09 24.52
C THR D 20 -17.14 0.90 25.08
N ALA D 21 -18.38 0.80 24.63
CA ALA D 21 -19.49 1.53 25.23
C ALA D 21 -20.07 0.68 26.35
N ASN D 22 -20.05 1.22 27.57
CA ASN D 22 -20.50 0.49 28.75
C ASN D 22 -21.20 1.48 29.67
N ASN D 23 -22.50 1.30 29.86
CA ASN D 23 -23.22 2.06 30.87
C ASN D 23 -23.17 3.56 30.59
N GLY D 24 -23.18 3.92 29.31
CA GLY D 24 -23.29 5.30 28.90
C GLY D 24 -21.99 6.00 28.61
N ARG D 25 -20.84 5.34 28.77
CA ARG D 25 -19.54 5.93 28.53
C ARG D 25 -18.71 5.00 27.66
N ILE D 26 -17.93 5.60 26.76
CA ILE D 26 -17.01 4.88 25.89
C ILE D 26 -15.59 5.13 26.35
N THR D 27 -14.85 4.04 26.56
CA THR D 27 -13.42 4.10 26.85
C THR D 27 -12.65 3.27 25.83
N GLU D 28 -11.32 3.33 25.92
CA GLU D 28 -10.44 2.88 24.85
C GLU D 28 -9.34 2.03 25.44
N ARG D 29 -9.06 0.88 24.83
CA ARG D 29 -7.90 0.06 25.16
C ARG D 29 -7.03 -0.02 23.92
N CYS D 30 -5.72 -0.04 24.14
CA CYS D 30 -4.73 0.17 23.09
C CYS D 30 -3.67 -0.91 23.14
N TRP D 31 -3.26 -1.39 21.98
CA TRP D 31 -2.14 -2.31 21.84
C TRP D 31 -1.18 -1.70 20.83
N ASP D 32 0.09 -1.59 21.18
CA ASP D 32 1.12 -1.11 20.26
C ASP D 32 2.25 -2.14 20.12
N GLY D 33 1.96 -3.40 20.35
CA GLY D 33 2.95 -4.44 20.14
C GLY D 33 3.48 -5.14 21.38
N MLY D 34 3.28 -4.54 22.55
CA MLY D 34 3.87 -5.10 23.77
CB MLY D 34 4.86 -4.11 24.39
CG MLY D 34 5.72 -4.71 25.52
CD MLY D 34 6.94 -3.84 25.87
CE MLY D 34 6.56 -2.52 26.54
NZ MLY D 34 5.84 -2.71 27.84
CH1 MLY D 34 6.69 -3.45 28.79
CH2 MLY D 34 5.57 -1.39 28.44
C MLY D 34 2.83 -5.54 24.81
O MLY D 34 3.06 -6.45 25.59
N GLY D 35 1.70 -4.86 24.84
CA GLY D 35 0.69 -5.10 25.84
C GLY D 35 -0.45 -4.12 25.67
N TRP D 36 -1.51 -4.34 26.43
CA TRP D 36 -2.70 -3.50 26.39
C TRP D 36 -2.66 -2.45 27.49
N TYR D 37 -3.11 -1.24 27.15
CA TYR D 37 -3.16 -0.15 28.11
C TYR D 37 -4.40 0.70 27.83
N THR D 38 -4.78 1.49 28.81
CA THR D 38 -5.96 2.33 28.67
C THR D 38 -5.60 3.61 27.94
N GLY D 39 -6.35 3.93 26.89
CA GLY D 39 -6.09 5.08 26.06
C GLY D 39 -6.73 6.35 26.59
N ALA D 40 -6.44 7.44 25.90
CA ALA D 40 -6.92 8.74 26.32
C ALA D 40 -8.39 8.97 26.00
N PHE D 41 -8.98 8.21 25.07
CA PHE D 41 -10.35 8.48 24.65
C PHE D 41 -11.32 8.14 25.78
N ASN D 42 -12.18 9.10 26.13
CA ASN D 42 -13.21 8.87 27.13
C ASN D 42 -14.33 9.87 26.86
N GLU D 43 -15.46 9.41 26.35
CA GLU D 43 -16.55 10.30 25.98
C GLU D 43 -17.87 9.60 26.23
N PRO D 44 -18.97 10.36 26.38
CA PRO D 44 -20.29 9.74 26.54
C PRO D 44 -20.70 8.99 25.27
N GLY D 45 -21.43 7.90 25.50
CA GLY D 45 -22.01 7.18 24.39
C GLY D 45 -22.54 5.82 24.78
N ASP D 46 -23.64 5.43 24.13
CA ASP D 46 -24.19 4.09 24.26
C ASP D 46 -23.81 3.19 23.10
N ASN D 47 -23.36 3.75 22.00
CA ASN D 47 -22.98 3.00 20.82
C ASN D 47 -21.75 3.66 20.23
N VAL D 48 -20.87 2.86 19.61
CA VAL D 48 -19.63 3.37 19.07
C VAL D 48 -19.30 2.68 17.75
N SER D 49 -18.77 3.46 16.81
CA SER D 49 -18.11 2.91 15.62
C SER D 49 -16.83 3.70 15.42
N VAL D 50 -15.92 3.15 14.60
CA VAL D 50 -14.62 3.78 14.40
C VAL D 50 -14.11 3.48 13.00
N THR D 51 -13.32 4.42 12.47
CA THR D 51 -12.51 4.16 11.28
C THR D 51 -11.21 4.93 11.45
N SER D 52 -10.18 4.51 10.72
CA SER D 52 -8.88 5.17 10.83
C SER D 52 -8.13 5.04 9.52
N TRP D 53 -7.16 5.92 9.32
CA TRP D 53 -6.33 5.89 8.12
C TRP D 53 -4.97 6.47 8.46
N LEU D 54 -3.96 6.03 7.71
CA LEU D 54 -2.61 6.54 7.85
C LEU D 54 -2.32 7.58 6.79
N VAL D 55 -1.59 8.62 7.19
CA VAL D 55 -0.94 9.53 6.24
C VAL D 55 0.55 9.36 6.53
N GLY D 56 1.25 8.64 5.66
CA GLY D 56 2.58 8.19 6.04
C GLY D 56 2.49 7.30 7.26
N SER D 57 3.23 7.65 8.31
CA SER D 57 3.18 6.92 9.56
C SER D 57 2.22 7.53 10.59
N ALA D 58 1.57 8.64 10.26
CA ALA D 58 0.69 9.33 11.20
C ALA D 58 -0.72 8.77 11.12
N ILE D 59 -1.26 8.35 12.26
CA ILE D 59 -2.62 7.80 12.31
C ILE D 59 -3.63 8.91 12.50
N HIS D 60 -4.77 8.75 11.83
CA HIS D 60 -5.94 9.60 12.03
C HIS D 60 -7.09 8.68 12.38
N ILE D 61 -7.80 8.98 13.46
CA ILE D 61 -8.90 8.13 13.93
C ILE D 61 -10.15 8.98 14.01
N ARG D 62 -11.29 8.40 13.62
CA ARG D 62 -12.60 9.01 13.81
C ARG D 62 -13.48 8.01 14.55
N VAL D 63 -13.98 8.45 15.70
CA VAL D 63 -14.87 7.66 16.54
C VAL D 63 -16.23 8.33 16.53
N TYR D 64 -17.27 7.55 16.25
CA TYR D 64 -18.65 8.04 16.19
C TYR D 64 -19.38 7.52 17.41
N ALA D 65 -19.68 8.42 18.34
CA ALA D 65 -20.25 8.09 19.64
C ALA D 65 -21.70 8.53 19.65
N SER D 66 -22.62 7.60 19.88
CA SER D 66 -24.04 7.91 19.83
C SER D 66 -24.74 7.69 21.17
N THR D 67 -25.60 8.65 21.51
N THR D 67 -25.63 8.62 21.49
CA THR D 67 -26.61 8.53 22.56
CA THR D 67 -26.60 8.47 22.57
C THR D 67 -27.95 8.97 21.99
C THR D 67 -27.94 8.98 22.05
N GLY D 68 -28.99 8.20 22.28
CA GLY D 68 -30.29 8.53 21.70
C GLY D 68 -30.19 8.45 20.19
N THR D 69 -30.44 9.55 19.49
CA THR D 69 -30.08 9.59 18.08
C THR D 69 -29.02 10.64 17.82
N THR D 70 -28.28 11.03 18.85
CA THR D 70 -27.30 12.10 18.75
C THR D 70 -25.91 11.47 18.64
N THR D 71 -25.28 11.65 17.49
CA THR D 71 -23.98 11.06 17.19
C THR D 71 -22.97 12.19 17.10
N THR D 72 -21.91 12.09 17.89
CA THR D 72 -20.80 13.03 17.89
C THR D 72 -19.58 12.35 17.33
N GLU D 73 -18.88 13.01 16.41
CA GLU D 73 -17.62 12.52 15.89
C GLU D 73 -16.48 13.07 16.74
N TRP D 74 -15.56 12.19 17.12
CA TRP D 74 -14.35 12.56 17.84
C TRP D 74 -13.16 12.21 16.97
N CYS D 75 -12.19 13.12 16.92
CA CYS D 75 -11.10 13.05 15.97
C CYS D 75 -9.77 12.97 16.71
N TRP D 76 -8.93 12.04 16.30
CA TRP D 76 -7.53 11.99 16.69
C TRP D 76 -6.70 12.26 15.45
N ASP D 77 -5.90 13.30 15.50
CA ASP D 77 -5.02 13.68 14.40
C ASP D 77 -3.60 13.94 14.91
N GLY D 78 -3.22 13.25 15.97
CA GLY D 78 -1.88 13.33 16.53
C GLY D 78 -1.74 14.22 17.75
N ASN D 79 -2.75 15.02 18.09
CA ASN D 79 -2.57 16.04 19.12
C ASN D 79 -3.83 16.19 19.98
N GLY D 80 -4.35 15.06 20.46
CA GLY D 80 -5.49 15.06 21.34
C GLY D 80 -6.80 14.82 20.61
N TRP D 81 -7.81 14.42 21.36
CA TRP D 81 -9.11 14.17 20.77
C TRP D 81 -9.90 15.47 20.67
N THR D 82 -10.45 15.74 19.50
CA THR D 82 -11.21 16.97 19.26
C THR D 82 -12.57 16.62 18.64
N ARG D 83 -13.53 17.52 18.83
N ARG D 83 -13.54 17.51 18.82
CA ARG D 83 -14.85 17.31 18.25
CA ARG D 83 -14.87 17.30 18.27
C ARG D 83 -14.80 17.57 16.75
C ARG D 83 -14.85 17.59 16.77
N GLY D 84 -15.35 16.64 15.97
CA GLY D 84 -15.36 16.78 14.53
C GLY D 84 -16.60 17.48 14.00
N ALA D 85 -16.56 17.75 12.70
CA ALA D 85 -17.63 18.47 12.00
C ALA D 85 -18.84 17.60 11.67
N TYR D 86 -18.78 16.29 11.89
CA TYR D 86 -19.89 15.42 11.51
C TYR D 86 -21.21 15.92 12.09
N THR D 87 -22.23 15.95 11.25
CA THR D 87 -23.60 16.09 11.69
C THR D 87 -24.43 15.02 11.00
N ALA D 88 -25.49 14.58 11.68
CA ALA D 88 -26.37 13.56 11.12
C ALA D 88 -27.30 14.13 10.06
N THR D 89 -27.54 15.44 10.06
CA THR D 89 -28.43 16.07 9.09
C THR D 89 -27.97 17.50 8.84
N SNM E 1 -35.38 -6.21 19.06
CA SNM E 1 -34.28 -7.20 19.00
CB SNM E 1 -34.62 -8.41 19.85
OG SNM E 1 -33.40 -8.98 20.34
C SNM E 1 -33.87 -7.64 17.61
O SNM E 1 -34.71 -8.15 16.83
C1 SNM E 1 -36.68 -6.77 18.63
C2 SNM E 1 -35.06 -5.03 18.24
N SER E 2 -32.60 -7.48 17.27
CA SER E 2 -32.08 -7.96 16.00
CA SER E 2 -32.07 -7.93 16.00
C SER E 2 -30.66 -8.48 16.14
N VAL E 3 -30.25 -9.35 15.21
CA VAL E 3 -28.86 -9.79 15.23
C VAL E 3 -27.92 -8.61 15.02
N GLN E 4 -26.68 -8.79 15.42
CA GLN E 4 -25.68 -7.74 15.32
C GLN E 4 -24.49 -8.28 14.55
N THR E 5 -23.98 -7.50 13.59
CA THR E 5 -22.90 -7.98 12.74
C THR E 5 -21.67 -7.08 12.80
N ALA E 6 -20.56 -7.65 12.35
CA ALA E 6 -19.31 -6.94 12.14
C ALA E 6 -18.69 -7.53 10.88
N ALA E 7 -17.95 -6.71 10.14
CA ALA E 7 -17.42 -7.15 8.86
C ALA E 7 -15.99 -6.64 8.67
N THR E 8 -15.18 -7.44 8.00
CA THR E 8 -13.85 -7.05 7.60
C THR E 8 -13.55 -7.62 6.22
N SER E 9 -12.57 -7.05 5.54
CA SER E 9 -12.19 -7.52 4.23
C SER E 9 -10.71 -7.24 4.00
N TRP E 10 -10.12 -7.98 3.06
CA TRP E 10 -8.71 -7.78 2.77
C TRP E 10 -8.38 -8.20 1.35
N GLY E 11 -7.27 -7.65 0.87
CA GLY E 11 -6.69 -8.08 -0.40
C GLY E 11 -7.45 -7.58 -1.61
N THR E 12 -7.12 -8.18 -2.77
CA THR E 12 -7.63 -7.70 -4.05
C THR E 12 -8.95 -8.35 -4.47
N VAL E 13 -9.22 -9.56 -3.97
CA VAL E 13 -10.37 -10.32 -4.46
C VAL E 13 -11.71 -9.62 -4.22
N PRO E 14 -12.06 -9.20 -2.99
CA PRO E 14 -11.34 -9.37 -1.74
C PRO E 14 -11.82 -10.63 -1.06
N SER E 15 -11.19 -10.99 0.05
CA SER E 15 -11.86 -11.86 1.00
C SER E 15 -12.67 -10.99 1.96
N ILE E 16 -13.84 -11.49 2.36
CA ILE E 16 -14.71 -10.82 3.29
C ILE E 16 -15.06 -11.80 4.40
N ARG E 17 -15.13 -11.31 5.63
CA ARG E 17 -15.66 -12.09 6.75
C ARG E 17 -16.73 -11.28 7.45
N VAL E 18 -17.89 -11.90 7.68
CA VAL E 18 -19.01 -11.27 8.37
C VAL E 18 -19.31 -12.10 9.60
N TYR E 19 -19.23 -11.47 10.77
CA TYR E 19 -19.52 -12.13 12.05
C TYR E 19 -20.91 -11.70 12.50
N THR E 20 -21.71 -12.67 12.96
CA THR E 20 -23.07 -12.37 13.40
C THR E 20 -23.27 -12.88 14.82
N ALA E 21 -23.61 -11.97 15.73
CA ALA E 21 -24.04 -12.34 17.07
C ALA E 21 -25.55 -12.55 17.03
N ASN E 22 -25.98 -13.76 17.38
CA ASN E 22 -27.39 -14.14 17.35
C ASN E 22 -27.68 -15.04 18.54
N ASN E 23 -28.51 -14.57 19.45
CA ASN E 23 -29.00 -15.41 20.54
C ASN E 23 -27.86 -15.94 21.41
N GLY E 24 -26.83 -15.12 21.60
CA GLY E 24 -25.75 -15.43 22.51
C GLY E 24 -24.53 -16.09 21.90
N ARG E 25 -24.53 -16.35 20.59
CA ARG E 25 -23.42 -17.00 19.92
C ARG E 25 -23.06 -16.23 18.67
N ILE E 26 -21.76 -16.14 18.38
CA ILE E 26 -21.23 -15.49 17.18
C ILE E 26 -20.74 -16.56 16.23
N THR E 27 -21.19 -16.48 14.98
CA THR E 27 -20.71 -17.33 13.90
C THR E 27 -20.21 -16.45 12.75
N GLU E 28 -19.64 -17.09 11.74
CA GLU E 28 -18.83 -16.41 10.72
C GLU E 28 -19.23 -16.91 9.34
N ARG E 29 -19.44 -15.99 8.41
CA ARG E 29 -19.61 -16.31 7.01
C ARG E 29 -18.48 -15.68 6.22
N CYS E 30 -18.03 -16.38 5.20
CA CYS E 30 -16.78 -16.08 4.51
C CYS E 30 -17.00 -16.04 3.02
N TRP E 31 -16.35 -15.08 2.37
CA TRP E 31 -16.33 -14.97 0.92
C TRP E 31 -14.88 -14.85 0.50
N ASP E 32 -14.45 -15.73 -0.42
CA ASP E 32 -13.10 -15.68 -0.97
C ASP E 32 -13.14 -15.53 -2.49
N GLY E 33 -14.21 -15.00 -3.04
CA GLY E 33 -14.26 -14.71 -4.45
C GLY E 33 -15.24 -15.53 -5.24
N MLY E 34 -15.70 -16.65 -4.70
CA MLY E 34 -16.53 -17.57 -5.47
CB MLY E 34 -15.85 -18.95 -5.60
CG MLY E 34 -16.54 -19.88 -6.61
CD MLY E 34 -15.66 -21.07 -7.03
CE MLY E 34 -15.45 -22.07 -5.90
NZ MLY E 34 -16.73 -22.68 -5.43
CH1 MLY E 34 -17.35 -23.41 -6.54
CH2 MLY E 34 -16.41 -23.66 -4.38
C MLY E 34 -17.94 -17.73 -4.89
O MLY E 34 -18.91 -17.98 -5.60
N GLY E 35 -18.05 -17.60 -3.58
CA GLY E 35 -19.32 -17.81 -2.90
C GLY E 35 -19.12 -17.71 -1.41
N TRP E 36 -20.23 -17.75 -0.69
CA TRP E 36 -20.24 -17.64 0.77
C TRP E 36 -20.27 -19.03 1.41
N TYR E 37 -19.50 -19.18 2.48
CA TYR E 37 -19.47 -20.43 3.23
C TYR E 37 -19.32 -20.11 4.71
N THR E 38 -19.62 -21.10 5.53
CA THR E 38 -19.54 -20.92 6.97
C THR E 38 -18.12 -21.14 7.46
N GLY E 39 -17.62 -20.17 8.21
CA GLY E 39 -16.26 -20.21 8.68
C GLY E 39 -16.10 -20.98 9.99
N ALA E 40 -14.85 -21.12 10.40
CA ALA E 40 -14.51 -21.86 11.60
C ALA E 40 -14.84 -21.12 12.89
N PHE E 41 -14.99 -19.80 12.84
CA PHE E 41 -15.18 -19.05 14.07
C PHE E 41 -16.55 -19.34 14.68
N ASN E 42 -16.57 -19.73 15.95
CA ASN E 42 -17.82 -19.97 16.66
C ASN E 42 -17.53 -19.79 18.15
N GLU E 43 -18.02 -18.69 18.74
CA GLU E 43 -17.71 -18.39 20.12
C GLU E 43 -18.90 -17.70 20.75
N PRO E 44 -19.02 -17.76 22.08
CA PRO E 44 -20.10 -17.02 22.76
C PRO E 44 -19.96 -15.51 22.58
N GLY E 45 -21.12 -14.86 22.48
CA GLY E 45 -21.14 -13.41 22.50
C GLY E 45 -22.47 -12.84 22.09
N ASP E 46 -22.83 -11.72 22.70
CA ASP E 46 -23.99 -10.92 22.30
C ASP E 46 -23.63 -9.75 21.40
N ASN E 47 -22.37 -9.38 21.35
CA ASN E 47 -21.90 -8.25 20.57
C ASN E 47 -20.54 -8.61 19.99
N VAL E 48 -20.26 -8.10 18.78
CA VAL E 48 -19.02 -8.44 18.09
C VAL E 48 -18.48 -7.21 17.36
N SER E 49 -17.16 -7.08 17.38
CA SER E 49 -16.44 -6.18 16.49
C SER E 49 -15.24 -6.94 15.95
N VAL E 50 -14.65 -6.42 14.88
CA VAL E 50 -13.55 -7.09 14.21
C VAL E 50 -12.60 -6.08 13.58
N THR E 51 -11.33 -6.44 13.52
CA THR E 51 -10.36 -5.75 12.69
C THR E 51 -9.39 -6.78 12.13
N SER E 52 -8.72 -6.43 11.03
CA SER E 52 -7.78 -7.35 10.42
C SER E 52 -6.69 -6.59 9.70
N TRP E 53 -5.56 -7.26 9.48
CA TRP E 53 -4.45 -6.66 8.75
C TRP E 53 -3.69 -7.77 8.05
N LEU E 54 -3.02 -7.40 6.96
CA LEU E 54 -2.19 -8.30 6.20
C LEU E 54 -0.72 -8.10 6.57
N VAL E 55 0.01 -9.20 6.65
CA VAL E 55 1.47 -9.20 6.67
C VAL E 55 1.87 -9.94 5.41
N GLY E 56 2.28 -9.21 4.37
CA GLY E 56 2.38 -9.84 3.07
C GLY E 56 1.01 -10.32 2.64
N SER E 57 0.91 -11.60 2.30
CA SER E 57 -0.37 -12.19 1.93
C SER E 57 -1.07 -12.88 3.11
N ALA E 58 -0.47 -12.90 4.28
CA ALA E 58 -1.03 -13.59 5.44
C ALA E 58 -1.97 -12.67 6.20
N ILE E 59 -3.22 -13.13 6.40
CA ILE E 59 -4.21 -12.36 7.14
C ILE E 59 -4.11 -12.64 8.62
N HIS E 60 -4.30 -11.59 9.40
CA HIS E 60 -4.44 -11.67 10.84
C HIS E 60 -5.76 -11.00 11.20
N ILE E 61 -6.59 -11.69 11.98
CA ILE E 61 -7.91 -11.20 12.34
C ILE E 61 -8.01 -11.16 13.86
N ARG E 62 -8.65 -10.12 14.39
CA ARG E 62 -8.99 -10.01 15.81
C ARG E 62 -10.48 -9.77 15.90
N VAL E 63 -11.18 -10.66 16.59
CA VAL E 63 -12.61 -10.55 16.86
C VAL E 63 -12.80 -10.30 18.35
N TYR E 64 -13.58 -9.27 18.67
CA TYR E 64 -13.85 -8.89 20.06
C TYR E 64 -15.29 -9.28 20.36
N ALA E 65 -15.44 -10.31 21.19
CA ALA E 65 -16.74 -10.93 21.49
C ALA E 65 -17.13 -10.56 22.91
N SER E 66 -18.28 -9.90 23.08
CA SER E 66 -18.70 -9.44 24.39
C SER E 66 -20.00 -10.08 24.83
N THR E 67 -20.05 -10.41 26.14
CA THR E 67 -21.24 -10.78 26.87
C THR E 67 -21.22 -10.02 28.19
N GLY E 68 -22.36 -9.46 28.58
CA GLY E 68 -22.38 -8.59 29.74
C GLY E 68 -21.39 -7.46 29.57
N THR E 69 -20.42 -7.33 30.47
CA THR E 69 -19.35 -6.37 30.23
C THR E 69 -18.01 -7.04 30.04
N THR E 70 -17.99 -8.33 29.70
N THR E 70 -18.02 -8.32 29.69
CA THR E 70 -16.74 -9.08 29.55
CA THR E 70 -16.81 -9.09 29.52
C THR E 70 -16.48 -9.42 28.09
C THR E 70 -16.57 -9.26 28.02
N THR E 71 -15.39 -8.87 27.57
CA THR E 71 -15.02 -8.94 26.18
C THR E 71 -13.80 -9.84 26.04
N THR E 72 -13.91 -10.83 25.18
CA THR E 72 -12.82 -11.75 24.87
C THR E 72 -12.34 -11.50 23.46
N GLU E 73 -11.03 -11.41 23.30
CA GLU E 73 -10.41 -11.28 21.99
C GLU E 73 -10.09 -12.66 21.46
N TRP E 74 -10.45 -12.91 20.20
CA TRP E 74 -10.13 -14.13 19.50
C TRP E 74 -9.25 -13.79 18.31
N CYS E 75 -8.21 -14.59 18.10
CA CYS E 75 -7.14 -14.27 17.16
C CYS E 75 -7.06 -15.34 16.09
N TRP E 76 -7.00 -14.90 14.83
CA TRP E 76 -6.65 -15.76 13.71
C TRP E 76 -5.31 -15.28 13.17
N ASP E 77 -4.32 -16.16 13.19
CA ASP E 77 -2.98 -15.86 12.68
C ASP E 77 -2.50 -16.94 11.73
N GLY E 78 -3.44 -17.60 11.05
CA GLY E 78 -3.13 -18.62 10.07
C GLY E 78 -3.27 -20.04 10.56
N ASN E 79 -3.49 -20.26 11.86
CA ASN E 79 -3.35 -21.61 12.43
C ASN E 79 -4.43 -21.87 13.48
N GLY E 80 -5.66 -21.47 13.19
CA GLY E 80 -6.77 -21.69 14.11
C GLY E 80 -7.03 -20.47 14.99
N TRP E 81 -8.21 -20.43 15.58
CA TRP E 81 -8.58 -19.33 16.44
C TRP E 81 -8.07 -19.57 17.84
N THR E 82 -7.42 -18.56 18.43
CA THR E 82 -6.84 -18.66 19.76
C THR E 82 -7.27 -17.46 20.59
N ARG E 83 -7.28 -17.64 21.91
CA ARG E 83 -7.67 -16.56 22.80
C ARG E 83 -6.54 -15.55 22.90
N GLY E 84 -6.87 -14.26 22.72
CA GLY E 84 -5.86 -13.22 22.75
C GLY E 84 -5.67 -12.63 24.13
N ALA E 85 -4.65 -11.79 24.23
CA ALA E 85 -4.24 -11.17 25.49
C ALA E 85 -5.11 -10.00 25.90
N TYR E 86 -6.04 -9.56 25.06
CA TYR E 86 -6.86 -8.40 25.39
C TYR E 86 -7.51 -8.54 26.76
N THR E 87 -7.43 -7.49 27.54
CA THR E 87 -8.24 -7.33 28.75
C THR E 87 -8.85 -5.94 28.71
N ALA E 88 -10.05 -5.81 29.28
CA ALA E 88 -10.73 -4.53 29.29
C ALA E 88 -10.14 -3.57 30.31
N THR E 89 -9.47 -4.09 31.33
CA THR E 89 -8.82 -3.28 32.35
C THR E 89 -7.52 -3.94 32.78
N SNM F 1 -32.70 1.49 22.75
CA SNM F 1 -32.01 2.73 23.15
CB SNM F 1 -30.87 2.43 24.12
OG SNM F 1 -30.58 3.60 24.89
C SNM F 1 -31.50 3.48 21.94
O SNM F 1 -32.30 3.76 21.02
C1 SNM F 1 -33.48 0.98 23.89
C2 SNM F 1 -31.72 0.48 22.32
N SER F 2 -30.21 3.77 21.92
CA SER F 2 -29.64 4.71 20.95
C SER F 2 -29.55 4.21 19.50
N VAL F 3 -29.34 5.15 18.57
CA VAL F 3 -29.03 4.75 17.20
C VAL F 3 -27.73 3.96 17.18
N GLN F 4 -27.52 3.25 16.08
CA GLN F 4 -26.34 2.40 15.95
C GLN F 4 -25.64 2.75 14.65
N THR F 5 -24.32 2.90 14.70
CA THR F 5 -23.60 3.35 13.52
C THR F 5 -22.52 2.37 13.10
N ALA F 6 -22.07 2.54 11.86
CA ALA F 6 -20.93 1.86 11.29
C ALA F 6 -20.21 2.85 10.39
N ALA F 7 -18.88 2.74 10.30
CA ALA F 7 -18.10 3.72 9.56
C ALA F 7 -17.02 3.03 8.74
N THR F 8 -16.73 3.61 7.58
CA THR F 8 -15.61 3.17 6.76
C THR F 8 -14.97 4.40 6.13
N SER F 9 -13.74 4.24 5.68
CA SER F 9 -13.01 5.34 5.05
C SER F 9 -12.03 4.77 4.04
N TRP F 10 -11.62 5.61 3.10
CA TRP F 10 -10.67 5.16 2.09
C TRP F 10 -9.88 6.33 1.53
N GLY F 11 -8.72 5.98 0.97
CA GLY F 11 -7.90 6.94 0.24
C GLY F 11 -7.18 7.90 1.16
N THR F 12 -6.64 8.96 0.55
CA THR F 12 -5.80 9.91 1.27
C THR F 12 -6.54 11.13 1.81
N VAL F 13 -7.70 11.46 1.23
CA VAL F 13 -8.41 12.68 1.64
C VAL F 13 -8.75 12.69 3.13
N PRO F 14 -9.43 11.67 3.70
CA PRO F 14 -9.99 10.51 3.04
C PRO F 14 -11.44 10.80 2.70
N SER F 15 -12.07 9.86 2.01
CA SER F 15 -13.52 9.80 2.02
C SER F 15 -13.95 8.98 3.24
N ILE F 16 -15.06 9.38 3.86
CA ILE F 16 -15.63 8.69 5.00
C ILE F 16 -17.10 8.46 4.72
N ARG F 17 -17.62 7.28 5.10
CA ARG F 17 -19.04 7.03 5.09
C ARG F 17 -19.47 6.54 6.46
N VAL F 18 -20.53 7.13 7.00
CA VAL F 18 -21.09 6.76 8.29
C VAL F 18 -22.52 6.33 8.05
N TYR F 19 -22.84 5.10 8.42
CA TYR F 19 -24.18 4.53 8.29
C TYR F 19 -24.85 4.54 9.67
N THR F 20 -26.10 5.00 9.74
CA THR F 20 -26.82 5.07 11.00
C THR F 20 -28.13 4.32 10.89
N ALA F 21 -28.30 3.31 11.75
CA ALA F 21 -29.58 2.63 11.91
C ALA F 21 -30.39 3.37 12.97
N ASN F 22 -31.55 3.86 12.59
CA ASN F 22 -32.39 4.67 13.46
C ASN F 22 -33.85 4.30 13.17
N ASN F 23 -34.52 3.71 14.15
CA ASN F 23 -35.96 3.48 14.06
C ASN F 23 -36.32 2.59 12.86
N GLY F 24 -35.45 1.63 12.56
CA GLY F 24 -35.72 0.64 11.55
C GLY F 24 -35.20 0.93 10.16
N ARG F 25 -34.54 2.07 9.95
CA ARG F 25 -34.00 2.44 8.66
C ARG F 25 -32.56 2.89 8.81
N ILE F 26 -31.73 2.53 7.84
CA ILE F 26 -30.32 2.92 7.76
C ILE F 26 -30.16 3.97 6.69
N THR F 27 -29.54 5.10 7.06
CA THR F 27 -29.15 6.13 6.12
C THR F 27 -27.65 6.39 6.22
N GLU F 28 -27.14 7.24 5.34
CA GLU F 28 -25.71 7.37 5.10
C GLU F 28 -25.34 8.84 5.06
N ARG F 29 -24.25 9.19 5.74
CA ARG F 29 -23.64 10.51 5.65
C ARG F 29 -22.22 10.35 5.12
N CYS F 30 -21.80 11.31 4.30
CA CYS F 30 -20.62 11.17 3.48
C CYS F 30 -19.73 12.39 3.63
N TRP F 31 -18.43 12.16 3.69
CA TRP F 31 -17.43 13.23 3.70
C TRP F 31 -16.44 12.89 2.60
N ASP F 32 -16.20 13.86 1.70
CA ASP F 32 -15.22 13.72 0.63
C ASP F 32 -14.17 14.82 0.71
N GLY F 33 -13.98 15.43 1.86
CA GLY F 33 -12.94 16.41 2.04
C GLY F 33 -13.40 17.84 2.28
N MLY F 34 -14.66 18.15 1.98
CA MLY F 34 -15.12 19.54 2.05
CB MLY F 34 -15.58 20.03 0.68
CG MLY F 34 -15.83 21.54 0.63
CD MLY F 34 -15.90 22.09 -0.81
CE MLY F 34 -17.13 21.62 -1.55
NZ MLY F 34 -18.41 22.05 -0.90
CH1 MLY F 34 -18.47 23.51 -0.83
CH2 MLY F 34 -19.53 21.58 -1.73
C MLY F 34 -16.22 19.74 3.09
O MLY F 34 -16.38 20.81 3.67
N GLY F 35 -17.02 18.70 3.30
CA GLY F 35 -18.16 18.80 4.19
C GLY F 35 -18.95 17.51 4.15
N TRP F 36 -19.95 17.42 5.01
CA TRP F 36 -20.80 16.25 5.13
C TRP F 36 -22.08 16.43 4.34
N TYR F 37 -22.50 15.37 3.66
CA TYR F 37 -23.75 15.39 2.91
C TYR F 37 -24.42 14.03 3.03
N THR F 38 -25.69 14.00 2.69
CA THR F 38 -26.47 12.77 2.78
C THR F 38 -26.25 11.91 1.55
N GLY F 39 -25.90 10.65 1.76
CA GLY F 39 -25.59 9.75 0.67
C GLY F 39 -26.82 9.05 0.13
N ALA F 40 -26.59 8.29 -0.93
CA ALA F 40 -27.66 7.59 -1.62
C ALA F 40 -28.18 6.37 -0.86
N PHE F 41 -27.40 5.82 0.07
CA PHE F 41 -27.82 4.58 0.72
C PHE F 41 -29.00 4.81 1.63
N ASN F 42 -30.06 4.02 1.45
CA ASN F 42 -31.23 4.11 2.31
C ASN F 42 -31.93 2.75 2.25
N GLU F 43 -31.86 1.97 3.32
CA GLU F 43 -32.40 0.62 3.32
C GLU F 43 -32.92 0.29 4.70
N PRO F 44 -33.84 -0.67 4.81
CA PRO F 44 -34.30 -1.10 6.13
C PRO F 44 -33.19 -1.75 6.93
N GLY F 45 -33.26 -1.54 8.25
CA GLY F 45 -32.35 -2.23 9.13
C GLY F 45 -32.35 -1.64 10.52
N ASP F 46 -32.17 -2.51 11.52
CA ASP F 46 -31.97 -2.12 12.90
C ASP F 46 -30.51 -2.14 13.32
N ASN F 47 -29.68 -2.85 12.58
CA ASN F 47 -28.26 -2.98 12.86
C ASN F 47 -27.51 -2.88 11.54
N VAL F 48 -26.30 -2.33 11.58
CA VAL F 48 -25.51 -2.14 10.37
C VAL F 48 -24.03 -2.40 10.67
N SER F 49 -23.36 -3.03 9.70
CA SER F 49 -21.90 -3.06 9.66
C SER F 49 -21.47 -2.77 8.23
N VAL F 50 -20.19 -2.43 8.05
CA VAL F 50 -19.70 -2.05 6.74
C VAL F 50 -18.24 -2.45 6.59
N THR F 51 -17.83 -2.73 5.36
CA THR F 51 -16.43 -2.83 4.99
C THR F 51 -16.28 -2.29 3.58
N SER F 52 -15.07 -1.89 3.22
CA SER F 52 -14.83 -1.35 1.89
C SER F 52 -13.39 -1.62 1.47
N TRP F 53 -13.16 -1.59 0.17
CA TRP F 53 -11.82 -1.76 -0.37
C TRP F 53 -11.71 -1.00 -1.68
N LEU F 54 -10.48 -0.60 -2.00
CA LEU F 54 -10.19 0.09 -3.25
C LEU F 54 -9.65 -0.90 -4.27
N VAL F 55 -10.02 -0.71 -5.52
CA VAL F 55 -9.37 -1.33 -6.67
C VAL F 55 -8.87 -0.15 -7.48
N GLY F 56 -7.56 0.12 -7.40
CA GLY F 56 -7.08 1.40 -7.90
C GLY F 56 -7.73 2.53 -7.12
N SER F 57 -8.36 3.45 -7.82
CA SER F 57 -9.09 4.55 -7.18
C SER F 57 -10.59 4.26 -7.04
N ALA F 58 -11.06 3.11 -7.47
CA ALA F 58 -12.48 2.76 -7.43
C ALA F 58 -12.82 2.12 -6.09
N ILE F 59 -13.80 2.70 -5.38
CA ILE F 59 -14.23 2.17 -4.09
C ILE F 59 -15.30 1.11 -4.28
N HIS F 60 -15.23 0.08 -3.45
CA HIS F 60 -16.24 -0.94 -3.37
C HIS F 60 -16.67 -1.02 -1.92
N ILE F 61 -17.97 -0.92 -1.66
CA ILE F 61 -18.50 -0.90 -0.30
C ILE F 61 -19.48 -2.06 -0.15
N ARG F 62 -19.47 -2.70 1.03
CA ARG F 62 -20.45 -3.69 1.39
C ARG F 62 -21.04 -3.31 2.74
N VAL F 63 -22.36 -3.13 2.76
CA VAL F 63 -23.09 -2.79 3.96
C VAL F 63 -23.98 -3.98 4.33
N TYR F 64 -23.90 -4.42 5.59
CA TYR F 64 -24.68 -5.55 6.07
C TYR F 64 -25.76 -5.01 6.98
N ALA F 65 -27.00 -5.07 6.51
CA ALA F 65 -28.15 -4.47 7.18
C ALA F 65 -28.99 -5.59 7.76
N SER F 66 -29.21 -5.57 9.06
CA SER F 66 -29.98 -6.62 9.71
C SER F 66 -31.27 -6.10 10.34
N THR F 67 -32.33 -6.88 10.14
CA THR F 67 -33.58 -6.81 10.89
C THR F 67 -33.91 -8.20 11.39
N GLY F 68 -34.36 -8.30 12.66
CA GLY F 68 -34.55 -9.61 13.25
C GLY F 68 -33.25 -10.37 13.15
N THR F 69 -33.22 -11.56 12.56
CA THR F 69 -31.93 -12.16 12.31
C THR F 69 -31.69 -12.28 10.82
N THR F 70 -32.31 -11.42 10.03
CA THR F 70 -32.19 -11.46 8.59
C THR F 70 -31.30 -10.31 8.14
N THR F 71 -30.20 -10.68 7.50
CA THR F 71 -29.13 -9.74 7.18
C THR F 71 -29.05 -9.71 5.67
N THR F 72 -29.16 -8.52 5.10
CA THR F 72 -29.03 -8.30 3.66
C THR F 72 -27.75 -7.52 3.39
N GLU F 73 -26.99 -7.98 2.40
CA GLU F 73 -25.80 -7.28 1.95
C GLU F 73 -26.18 -6.33 0.83
N TRP F 74 -25.72 -5.09 0.94
CA TRP F 74 -25.89 -4.08 -0.09
C TRP F 74 -24.52 -3.69 -0.62
N CYS F 75 -24.41 -3.57 -1.94
CA CYS F 75 -23.13 -3.44 -2.61
C CYS F 75 -23.07 -2.13 -3.37
N TRP F 76 -21.98 -1.39 -3.19
CA TRP F 76 -21.63 -0.26 -4.03
C TRP F 76 -20.39 -0.63 -4.81
N ASP F 77 -20.50 -0.59 -6.14
CA ASP F 77 -19.38 -0.91 -7.02
C ASP F 77 -19.24 0.15 -8.09
N GLY F 78 -19.65 1.38 -7.79
CA GLY F 78 -19.50 2.51 -8.68
C GLY F 78 -20.77 2.90 -9.42
N ASN F 79 -21.82 2.11 -9.38
CA ASN F 79 -22.99 2.34 -10.24
C ASN F 79 -24.28 2.00 -9.50
N GLY F 80 -24.45 2.56 -8.31
CA GLY F 80 -25.66 2.36 -7.55
C GLY F 80 -25.56 1.20 -6.57
N TRP F 81 -26.44 1.22 -5.58
CA TRP F 81 -26.46 0.17 -4.58
C TRP F 81 -27.28 -1.00 -5.09
N THR F 82 -26.73 -2.21 -4.97
CA THR F 82 -27.38 -3.42 -5.44
C THR F 82 -27.35 -4.47 -4.34
N ARG F 83 -28.31 -5.39 -4.39
CA ARG F 83 -28.37 -6.46 -3.42
C ARG F 83 -27.28 -7.49 -3.70
N GLY F 84 -26.51 -7.84 -2.66
CA GLY F 84 -25.42 -8.79 -2.81
C GLY F 84 -25.85 -10.23 -2.57
N ALA F 85 -24.91 -11.13 -2.85
CA ALA F 85 -25.14 -12.58 -2.74
C ALA F 85 -25.07 -13.10 -1.32
N TYR F 86 -24.70 -12.28 -0.33
CA TYR F 86 -24.56 -12.78 1.03
C TYR F 86 -25.82 -13.48 1.50
N THR F 87 -25.63 -14.64 2.12
CA THR F 87 -26.67 -15.29 2.90
C THR F 87 -26.05 -15.71 4.23
N ALA F 88 -26.88 -15.73 5.27
CA ALA F 88 -26.38 -15.99 6.61
C ALA F 88 -26.12 -17.47 6.85
N THR F 89 -26.82 -18.34 6.12
CA THR F 89 -26.61 -19.78 6.21
C THR F 89 -26.75 -20.38 4.82
N ASN F 90 -26.38 -21.65 4.71
CA ASN F 90 -26.45 -22.37 3.45
C ASN F 90 -27.90 -22.73 3.12
N01 QQ7 G . -6.03 17.54 -16.18
C01 QQ7 G . -6.88 18.64 -15.79
C02 QQ7 G . -8.25 18.27 -16.42
N02 QQ7 G . -6.58 19.92 -16.41
N03 QQ7 G . -8.02 16.97 -16.99
N04 QQ7 G . -8.49 19.34 -17.36
C03 QQ7 G . -9.06 16.08 -17.43
C04 QQ7 G . -4.69 17.33 -15.67
C05 QQ7 G . -6.71 16.56 -16.86
C06 QQ7 G . -9.76 19.56 -18.02
C07 QQ7 G . -5.54 20.81 -15.94
C08 QQ7 G . -7.50 20.28 -17.35
O01 QQ7 G . -6.26 15.48 -17.20
O02 QQ7 G . -7.48 21.32 -18.00
N05 QQ7 G . -9.53 16.34 -18.78
N06 QQ7 G . -10.00 18.72 -19.18
C09 QQ7 G . -10.51 17.36 -19.11
C10 QQ7 G . -9.24 15.52 -19.84
C11 QQ7 G . -10.01 19.22 -20.45
O03 QQ7 G . -9.66 20.34 -20.78
N07 QQ7 G . -10.54 18.27 -21.28
O04 QQ7 G . -8.52 14.54 -19.80
N08 QQ7 G . -10.01 15.91 -20.90
C12 QQ7 G . -10.86 17.04 -20.59
C13 QQ7 G . -10.92 18.55 -22.64
C14 QQ7 G . -10.07 15.15 -22.13
N09 QQ7 G . -9.35 15.74 -23.24
N10 QQ7 G . -9.95 18.08 -23.62
N11 QQ7 G . -3.66 18.13 -16.30
N12 QQ7 G . -4.23 20.51 -16.46
C15 QQ7 G . -9.91 16.72 -24.14
C16 QQ7 G . -9.12 18.92 -24.29
C17 QQ7 G . -8.13 15.28 -23.65
O05 QQ7 G . -9.00 20.12 -24.09
N13 QQ7 G . -8.50 18.22 -25.29
O06 QQ7 G . -7.48 14.39 -23.13
N14 QQ7 G . -7.81 15.90 -24.83
C18 QQ7 G . -8.85 16.81 -25.28
C19 QQ7 G . -3.35 19.49 -15.91
C20 QQ7 G . -2.69 17.58 -17.09
C21 QQ7 G . -3.60 21.30 -17.38
O07 QQ7 G . -4.09 22.26 -17.94
N15 QQ7 G . -2.29 20.90 -17.47
O08 QQ7 G . -2.62 16.42 -17.43
N16 QQ7 G . -1.72 18.53 -17.29
C22 QQ7 G . -2.00 19.77 -16.61
N17 QQ7 G . -0.85 21.01 -19.40
N18 QQ7 G . -0.17 18.67 -19.17
C23 QQ7 G . -1.21 21.48 -20.63
C24 QQ7 G . 0.23 20.04 -19.46
C25 QQ7 G . -0.07 17.86 -20.28
O09 QQ7 G . -0.31 16.66 -20.31
N19 QQ7 G . 0.39 18.62 -21.33
O10 QQ7 G . -2.06 22.31 -20.84
N20 QQ7 G . -0.37 20.92 -21.56
C26 QQ7 G . 0.85 18.04 -22.57
C27 QQ7 G . 0.57 20.01 -20.96
C28 QQ7 G . -0.28 21.43 -22.90
N21 QQ7 G . -0.05 18.24 -23.69
N22 QQ7 G . -0.83 20.55 -23.91
C29 QQ7 G . -0.78 17.22 -24.21
C30 QQ7 G . -0.11 19.44 -24.50
C31 QQ7 G . -1.98 20.86 -24.59
O11 QQ7 G . -2.68 21.82 -24.40
N23 QQ7 G . -2.12 19.97 -25.62
O12 QQ7 G . -0.83 16.08 -23.78
N24 QQ7 G . -1.37 17.65 -25.37
C32 QQ7 G . -3.12 20.14 -26.66
C33 QQ7 G . -2.10 16.77 -26.26
C34 QQ7 G . -1.02 19.02 -25.69
N25 QQ7 G . -3.53 16.95 -26.23
N26 QQ7 G . -4.25 19.27 -26.57
C35 QQ7 G . -4.38 16.14 -25.51
C36 QQ7 G . -4.26 17.90 -27.05
C37 QQ7 G . -5.50 19.69 -26.19
O13 QQ7 G . -5.79 20.80 -25.79
N27 QQ7 G . -6.38 18.67 -26.41
O QQ7 G . -4.02 15.30 -24.70
N QQ7 G . -5.66 16.37 -25.92
C38 QQ7 G . -5.74 17.46 -26.88
C39 QQ7 G . -1.29 21.65 -18.18
C40 QQ7 G . -0.42 18.18 -17.84
C41 QQ7 G . -6.73 15.42 -25.68
C QQ7 G . -7.82 18.87 -26.39
C1 GOL H . 17.43 11.94 1.87
O1 GOL H . 17.03 11.93 0.51
C2 GOL H . 18.38 13.14 2.16
O2 GOL H . 19.60 12.98 1.53
C3 GOL H . 17.65 14.42 1.66
O3 GOL H . 18.48 15.54 1.96
C1 GOL I . 6.88 16.91 -9.77
O1 GOL I . 5.79 16.94 -10.68
C2 GOL I . 8.21 16.87 -10.58
O2 GOL I . 8.22 15.76 -11.40
C3 GOL I . 8.35 18.22 -11.37
O3 GOL I . 9.67 18.35 -11.87
C1 GOL J . 24.14 8.72 -21.30
O1 GOL J . 24.62 7.46 -21.61
C2 GOL J . 25.25 9.72 -21.67
O2 GOL J . 25.54 9.66 -23.02
C3 GOL J . 24.72 11.12 -21.24
O3 GOL J . 25.80 12.02 -21.32
N01 QQ7 K . 4.58 -28.40 -8.14
C01 QQ7 K . 4.39 -27.57 -6.98
C02 QQ7 K . 3.25 -26.62 -7.39
N02 QQ7 K . 5.49 -26.68 -6.67
N03 QQ7 K . 2.98 -27.00 -8.76
N04 QQ7 K . 3.84 -25.30 -7.22
C03 QQ7 K . 1.82 -26.57 -9.52
C04 QQ7 K . 5.38 -29.60 -8.17
C05 QQ7 K . 3.77 -28.03 -9.18
C06 QQ7 K . 3.09 -24.07 -7.27
C07 QQ7 K . 6.75 -27.09 -6.09
C08 QQ7 K . 5.14 -25.35 -6.81
O01 QQ7 K . 3.73 -28.57 -10.28
O02 QQ7 K . 5.83 -24.41 -6.49
N05 QQ7 K . 1.95 -25.26 -10.14
N06 QQ7 K . 2.85 -23.57 -8.60
C09 QQ7 K . 1.74 -24.01 -9.44
C10 QQ7 K . 2.01 -25.10 -11.50
C11 QQ7 K . 3.50 -22.49 -9.13
O03 QQ7 K . 4.40 -21.88 -8.57
N07 QQ7 K . 2.87 -22.11 -10.28
O04 QQ7 K . 2.10 -25.99 -12.32
N08 QQ7 K . 1.84 -23.76 -11.77
C12 QQ7 K . 1.73 -22.96 -10.58
C13 QQ7 K . 3.15 -20.87 -10.96
C14 QQ7 K . 1.57 -23.28 -13.11
N09 QQ7 K . 2.69 -22.62 -13.73
N10 QQ7 K . 3.79 -21.00 -12.25
N11 QQ7 K . 6.78 -29.36 -8.45
N12 QQ7 K . 7.72 -27.60 -7.03
C15 QQ7 K . 3.07 -21.24 -13.49
C16 QQ7 K . 5.08 -20.61 -12.48
C17 QQ7 K . 3.39 -23.17 -14.77
O05 QQ7 K . 5.86 -20.22 -11.62
N13 QQ7 K . 5.30 -20.58 -13.82
O06 QQ7 K . 3.23 -24.30 -15.22
N14 QQ7 K . 4.21 -22.22 -15.30
C18 QQ7 K . 4.12 -20.96 -14.58
C19 QQ7 K . 7.77 -28.99 -7.46
C20 QQ7 K . 7.34 -29.66 -9.66
C21 QQ7 K . 8.78 -26.88 -7.48
O07 QQ7 K . 9.01 -25.71 -7.20
N15 QQ7 K . 9.62 -27.71 -8.18
O08 QQ7 K . 6.74 -30.04 -10.65
N16 QQ7 K . 8.70 -29.54 -9.55
C22 QQ7 K . 9.11 -29.07 -8.23
N17 QQ7 K . 11.25 -27.26 -9.96
N18 QQ7 K . 10.36 -29.13 -11.28
C23 QQ7 K . 11.63 -26.10 -10.57
C24 QQ7 K . 11.52 -28.43 -10.77
C25 QQ7 K . 10.18 -28.94 -12.62
O09 QQ7 K . 9.27 -29.42 -13.29
N19 QQ7 K . 11.22 -28.19 -13.10
O10 QQ7 K . 11.50 -24.97 -10.10
N20 QQ7 K . 12.21 -26.41 -11.77
C26 QQ7 K . 11.45 -27.97 -14.51
C27 QQ7 K . 12.15 -27.82 -12.06
C28 QQ7 K . 12.97 -25.44 -12.54
N21 QQ7 K . 11.15 -26.63 -14.97
N22 QQ7 K . 12.23 -24.87 -13.65
C29 QQ7 K . 10.02 -26.34 -15.69
C30 QQ7 K . 12.08 -25.51 -14.94
C31 QQ7 K . 11.79 -23.57 -13.65
O11 QQ7 K . 11.94 -22.77 -12.75
N23 QQ7 K . 11.26 -23.30 -14.88
O12 QQ7 K . 9.16 -27.14 -15.98
N24 QQ7 K . 10.12 -25.06 -16.15
C32 QQ7 K . 10.85 -21.97 -15.25
C33 QQ7 K . 9.22 -24.53 -17.15
C34 QQ7 K . 11.37 -24.43 -15.79
N25 QQ7 K . 8.31 -23.52 -16.67
N26 QQ7 K . 9.41 -21.77 -15.36
C35 QQ7 K . 6.97 -23.75 -16.53
C36 QQ7 K . 8.65 -22.12 -16.53
C37 QQ7 K . 8.67 -21.06 -14.45
O13 QQ7 K . 9.07 -20.65 -13.37
N27 QQ7 K . 7.43 -20.84 -14.99
O QQ7 K . 6.42 -24.82 -16.64
N QQ7 K . 6.35 -22.54 -16.35
C38 QQ7 K . 7.28 -21.44 -16.30
C39 QQ7 K . 10.97 -27.33 -8.53
C40 QQ7 K . 9.61 -30.11 -10.52
C41 QQ7 K . 4.93 -22.39 -16.52
C QQ7 K . 6.47 -19.94 -14.40
C1 GOL L . 0.75 5.03 -22.45
O1 GOL L . 0.38 5.21 -23.82
C2 GOL L . 1.19 6.41 -21.90
O2 GOL L . 2.29 6.90 -22.57
C3 GOL L . 1.46 6.25 -20.37
O3 GOL L . 2.36 5.18 -20.14
C1 GOL M . 3.88 -9.84 -17.80
O1 GOL M . 4.09 -11.09 -17.18
C2 GOL M . 5.13 -9.48 -18.66
O2 GOL M . 6.26 -9.45 -17.86
C3 GOL M . 5.23 -10.52 -19.84
O3 GOL M . 6.21 -10.09 -20.77
NA NA N . 4.35 -25.91 -17.00
N01 QQ7 O . 21.67 4.82 11.95
C01 QQ7 O . 21.89 3.80 12.96
C02 QQ7 O . 20.66 3.94 13.88
N02 QQ7 O . 23.01 4.03 13.84
N03 QQ7 O . 19.91 5.04 13.28
N04 QQ7 O . 21.24 4.23 15.17
C03 QQ7 O . 18.55 5.36 13.61
C04 QQ7 O . 22.39 4.89 10.69
C05 QQ7 O . 20.52 5.52 12.15
C06 QQ7 O . 20.50 4.22 16.42
C07 QQ7 O . 24.37 3.81 13.48
C08 QQ7 O . 22.61 4.28 15.13
O01 QQ7 O . 20.04 6.34 11.39
O02 QQ7 O . 23.34 4.44 16.09
N05 QQ7 O . 18.39 6.19 14.78
N06 QQ7 O . 19.76 5.44 16.66
C09 QQ7 O . 18.45 5.71 16.15
C10 QQ7 O . 17.90 7.47 14.71
C11 QQ7 O . 20.18 6.38 17.58
O03 QQ7 O . 21.23 6.37 18.18
N07 QQ7 O . 19.14 7.24 17.80
O04 QQ7 O . 17.63 8.07 13.69
N08 QQ7 O . 17.64 7.91 15.97
C12 QQ7 O . 17.98 6.93 16.99
C13 QQ7 O . 19.11 8.16 18.91
C14 QQ7 O . 16.89 9.12 16.25
N09 QQ7 O . 17.69 10.22 16.75
N10 QQ7 O . 19.21 9.56 18.55
N11 QQ7 O . 23.66 5.57 10.75
N12 QQ7 O . 24.96 4.87 12.70
C15 QQ7 O . 18.09 10.38 18.13
C16 QQ7 O . 20.32 10.30 18.84
C17 QQ7 O . 17.99 11.31 15.98
O05 QQ7 O . 21.38 9.87 19.26
N13 QQ7 O . 20.02 11.63 18.65
O06 QQ7 O . 17.67 11.47 14.82
N14 QQ7 O . 18.56 12.26 16.79
C18 QQ7 O . 18.67 11.82 18.16
C19 QQ7 O . 24.88 4.96 11.26
C20 QQ7 O . 23.90 6.78 10.15
C21 QQ7 O . 25.87 5.75 13.23
O07 QQ7 O . 26.15 5.84 14.41
N15 QQ7 O . 26.50 6.39 12.20
O08 QQ7 O . 23.06 7.48 9.61
N16 QQ7 O . 25.25 7.03 10.21
C22 QQ7 O . 25.98 6.00 10.91
N17 QQ7 O . 27.53 8.59 12.25
N18 QQ7 O . 26.32 9.23 10.22
C23 QQ7 O . 27.61 9.43 13.33
C24 QQ7 O . 27.55 9.29 10.99
C25 QQ7 O . 25.69 10.44 10.15
O09 QQ7 O . 24.73 10.68 9.44
N19 QQ7 O . 26.41 11.35 10.86
O10 QQ7 O . 27.77 9.09 14.49
N20 QQ7 O . 27.67 10.72 12.87
C26 QQ7 O . 26.08 12.76 10.88
C27 QQ7 O . 27.63 10.78 11.42
C28 QQ7 O . 27.99 11.83 13.74
N21 QQ7 O . 25.53 13.23 12.14
N22 QQ7 O . 26.87 12.65 14.10
C29 QQ7 O . 24.19 13.41 12.34
C30 QQ7 O . 26.32 13.69 13.25
C31 QQ7 O . 26.31 12.64 15.35
O11 QQ7 O . 26.62 11.91 16.26
N23 QQ7 O . 25.43 13.69 15.43
O12 QQ7 O . 23.30 13.05 11.58
N24 QQ7 O . 24.02 14.15 13.47
C32 QQ7 O . 24.88 14.15 16.69
C33 QQ7 O . 22.80 14.87 13.75
C34 QQ7 O . 25.27 14.38 14.17
N25 QQ7 O . 22.05 14.42 14.91
N26 QQ7 O . 23.47 13.91 16.86
C35 QQ7 O . 20.77 13.93 14.82
C36 QQ7 O . 22.42 14.73 16.28
C37 QQ7 O . 22.99 13.05 17.81
O13 QQ7 O . 23.67 12.25 18.46
N27 QQ7 O . 21.66 13.29 17.98
O QQ7 O . 20.17 13.71 13.79
N QQ7 O . 20.24 13.88 16.08
C38 QQ7 O . 21.17 14.33 17.10
C39 QQ7 O . 27.71 7.16 12.39
C40 QQ7 O . 25.89 8.08 9.44
C41 QQ7 O . 18.84 13.60 16.33
C QQ7 O . 20.90 12.70 19.05
C1 GOL P . 14.15 -14.51 -6.54
O1 GOL P . 14.82 -13.28 -6.27
C2 GOL P . 15.17 -15.70 -6.54
O2 GOL P . 16.01 -15.66 -7.64
C3 GOL P . 15.98 -15.60 -5.21
O3 GOL P . 16.81 -16.75 -5.14
C1 GOL Q . 19.84 -3.65 4.44
O1 GOL Q . 19.95 -2.53 5.30
C2 GOL Q . 20.92 -3.56 3.33
O2 GOL Q . 20.78 -2.37 2.63
C3 GOL Q . 22.33 -3.67 4.02
O3 GOL Q . 23.35 -3.86 3.05
N01 QQ7 R . 7.89 -0.10 23.48
C01 QQ7 R . 9.08 0.67 23.81
C02 QQ7 R . 10.19 -0.39 23.89
N02 QQ7 R . 9.08 1.25 25.14
N03 QQ7 R . 9.51 -1.62 23.50
N04 QQ7 R . 10.63 -0.34 25.27
C03 QQ7 R . 10.19 -2.84 23.15
C04 QQ7 R . 6.62 0.48 23.12
C05 QQ7 R . 8.16 -1.42 23.28
C06 QQ7 R . 11.80 -0.99 25.77
C07 QQ7 R . 8.42 2.49 25.48
C08 QQ7 R . 9.96 0.63 25.98
O01 QQ7 R . 7.39 -2.26 22.89
O02 QQ7 R . 10.18 0.93 27.14
N05 QQ7 R . 10.56 -3.67 24.27
N06 QQ7 R . 11.65 -2.40 26.07
C09 QQ7 R . 11.75 -3.46 25.09
C10 QQ7 R . 9.92 -4.84 24.57
C11 QQ7 R . 11.66 -2.87 27.35
O03 QQ7 R . 11.62 -2.20 28.37
N07 QQ7 R . 11.80 -4.24 27.30
O04 QQ7 R . 8.96 -5.30 23.98
N08 QQ7 R . 10.63 -5.48 25.56
C12 QQ7 R . 11.82 -4.75 25.95
C13 QQ7 R . 12.08 -5.04 28.47
C14 QQ7 R . 10.32 -6.84 25.97
N09 QQ7 R . 9.70 -6.93 27.27
N10 QQ7 R . 10.92 -5.73 29.00
N11 QQ7 R . 5.80 0.94 24.22
N12 QQ7 R . 7.03 2.34 25.82
C15 QQ7 R . 10.41 -6.99 28.52
C16 QQ7 R . 10.30 -5.31 30.15
C17 QQ7 R . 8.35 -7.17 27.43
O05 QQ7 R . 10.55 -4.30 30.78
N13 QQ7 R . 9.39 -6.27 30.52
O06 QQ7 R . 7.53 -7.25 26.52
N14 QQ7 R . 8.12 -7.42 28.75
C18 QQ7 R . 9.32 -7.35 29.56
C19 QQ7 R . 5.96 2.24 24.85
C20 QQ7 R . 4.64 0.33 24.58
C21 QQ7 R . 6.56 2.48 27.10
O07 QQ7 R . 7.25 2.64 28.09
N15 QQ7 R . 5.20 2.52 27.06
O08 QQ7 R . 4.21 -0.70 24.08
N16 QQ7 R . 3.97 1.14 25.45
C22 QQ7 R . 4.68 2.38 25.70
N17 QQ7 R . 3.64 1.76 28.74
N18 QQ7 R . 2.33 0.47 27.13
C23 QQ7 R . 3.98 1.18 29.94
C24 QQ7 R . 2.33 1.36 28.28
C25 QQ7 R . 1.89 -0.78 27.45
O09 QQ7 R . 1.78 -1.72 26.67
N19 QQ7 R . 1.56 -0.80 28.78
O10 QQ7 R . 5.01 1.38 30.55
N20 QQ7 R . 2.92 0.45 30.36
C26 QQ7 R . 0.80 -1.87 29.39
C27 QQ7 R . 1.81 0.46 29.43
C28 QQ7 R . 2.83 -0.06 31.72
N21 QQ7 R . 1.57 -2.73 30.27
N22 QQ7 R . 2.98 -1.49 31.84
C29 QQ7 R . 1.88 -4.03 29.93
C30 QQ7 R . 1.90 -2.43 31.65
C31 QQ7 R . 4.08 -2.06 32.42
O11 QQ7 R . 5.06 -1.46 32.82
N23 QQ7 R . 3.83 -3.38 32.62
O12 QQ7 R . 1.56 -4.58 28.90
N24 QQ7 R . 2.47 -4.63 31.01
C32 QQ7 R . 4.70 -4.23 33.41
C33 QQ7 R . 2.80 -6.03 31.02
C34 QQ7 R . 2.50 -3.77 32.17
N25 QQ7 R . 4.22 -6.30 30.96
N26 QQ7 R . 5.53 -5.13 32.64
C35 QQ7 R . 4.85 -6.68 29.80
C36 QQ7 R . 5.08 -6.40 32.11
C37 QQ7 R . 6.88 -4.94 32.48
O13 QQ7 R . 7.53 -3.98 32.87
N27 QQ7 R . 7.39 -6.06 31.89
O QQ7 R . 4.37 -6.65 28.68
N QQ7 R . 6.09 -7.15 30.13
C38 QQ7 R . 6.37 -7.03 31.55
C39 QQ7 R . 4.39 2.87 28.19
C40 QQ7 R . 2.58 0.92 25.78
C41 QQ7 R . 6.86 -7.98 29.22
C QQ7 R . 8.82 -6.33 31.84
C1 GOL S . -13.98 14.70 8.94
O1 GOL S . -13.74 13.68 9.90
C2 GOL S . -14.49 15.99 9.64
O2 GOL S . -15.77 15.86 10.12
C3 GOL S . -13.48 16.34 10.78
O3 GOL S . -13.86 17.60 11.33
C1 GOL T . -3.80 7.44 19.70
O1 GOL T . -2.86 6.57 20.29
C2 GOL T . -5.18 7.30 20.44
O2 GOL T . -5.61 5.99 20.38
C3 GOL T . -4.99 7.80 21.92
O3 GOL T . -6.26 7.91 22.55
C1 GOL U . -23.95 -1.13 25.77
O1 GOL U . -24.58 -1.78 24.71
C2 GOL U . -24.41 0.34 25.71
O2 GOL U . -25.79 0.47 25.76
C3 GOL U . -23.70 1.05 26.88
O3 GOL U . -24.46 2.18 27.19
N01 QQ7 V . -14.59 -23.97 -11.07
C01 QQ7 V . -14.03 -22.68 -11.43
C02 QQ7 V . -12.72 -22.61 -10.62
N02 QQ7 V . -14.78 -21.53 -10.97
N03 QQ7 V . -12.73 -23.85 -9.86
N04 QQ7 V . -12.88 -21.40 -9.83
C03 QQ7 V . -11.60 -24.37 -9.14
C04 QQ7 V . -15.71 -24.59 -11.75
C05 QQ7 V . -13.83 -24.61 -10.13
C06 QQ7 V . -11.82 -20.78 -9.07
C07 QQ7 V . -16.03 -21.07 -11.55
C08 QQ7 V . -14.09 -20.79 -10.05
O01 QQ7 V . -14.07 -25.71 -9.66
O02 QQ7 V . -14.44 -19.72 -9.59
N05 QQ7 V . -11.41 -23.82 -7.81
N06 QQ7 V . -11.60 -21.37 -7.77
C09 QQ7 V . -10.77 -22.54 -7.55
C10 QQ7 V . -11.57 -24.56 -6.67
C11 QQ7 V . -11.97 -20.76 -6.61
O03 QQ7 V . -12.60 -19.71 -6.52
N07 QQ7 V . -11.39 -21.43 -5.56
O04 QQ7 V . -11.99 -25.70 -6.62
N08 QQ7 V . -11.05 -23.86 -5.62
C12 QQ7 V . -10.58 -22.54 -6.02
C13 QQ7 V . -11.38 -20.91 -4.21
C14 QQ7 V . -10.79 -24.46 -4.33
N09 QQ7 V . -11.74 -24.07 -3.31
N10 QQ7 V . -12.16 -21.66 -3.25
N11 QQ7 V . -17.00 -24.19 -11.23
N12 QQ7 V . -17.20 -21.76 -11.06
C15 QQ7 V . -11.69 -22.84 -2.56
C16 QQ7 V . -13.30 -21.15 -2.69
C17 QQ7 V . -12.68 -24.94 -2.81
O05 QQ7 V . -13.84 -20.11 -3.00
N13 QQ7 V . -13.65 -21.94 -1.63
O06 QQ7 V . -12.90 -26.06 -3.23
N14 QQ7 V . -13.25 -24.36 -1.71
C18 QQ7 V . -12.72 -23.04 -1.44
C19 QQ7 V . -17.71 -23.00 -11.63
C20 QQ7 V . -17.76 -25.02 -10.45
C21 QQ7 V . -18.06 -21.22 -10.13
O07 QQ7 V . -17.90 -20.15 -9.57
N15 QQ7 V . -19.17 -22.02 -10.06
O08 QQ7 V . -17.41 -26.11 -10.02
N16 QQ7 V . -18.99 -24.46 -10.31
C22 QQ7 V . -19.09 -23.16 -10.95
N17 QQ7 V . -20.80 -22.37 -8.25
N18 QQ7 V . -20.64 -24.80 -8.56
C23 QQ7 V . -20.89 -21.83 -6.99
C24 QQ7 V . -21.50 -23.64 -8.35
C25 QQ7 V . -20.57 -25.59 -7.44
O09 QQ7 V . -19.92 -26.62 -7.34
N19 QQ7 V . -21.39 -25.07 -6.48
O10 QQ7 V . -20.39 -20.77 -6.63
N20 QQ7 V . -21.66 -22.66 -6.22
C26 QQ7 V . -21.71 -25.76 -5.25
C27 QQ7 V . -22.06 -23.86 -6.92
C28 QQ7 V . -22.18 -22.26 -4.93
N21 QQ7 V . -21.09 -25.21 -4.07
N22 QQ7 V . -21.45 -22.80 -3.80
C29 QQ7 V . -20.03 -25.81 -3.46
C30 QQ7 V . -21.64 -24.13 -3.27
C31 QQ7 V . -20.67 -22.02 -3.00
O11 QQ7 V . -20.49 -20.83 -3.12
N23 QQ7 V . -20.23 -22.79 -1.96
O12 QQ7 V . -19.46 -26.81 -3.85
N24 QQ7 V . -19.80 -25.18 -2.26
C32 QQ7 V . -19.47 -22.22 -0.85
C33 QQ7 V . -18.89 -25.73 -1.27
C34 QQ7 V . -20.75 -24.13 -1.99
N25 QQ7 V . -17.69 -24.98 -1.07
N26 QQ7 V . -18.08 -22.58 -0.81
C35 QQ7 V . -16.47 -25.44 -1.47
C36 QQ7 V . -17.59 -23.81 -0.22
C37 QQ7 V . -17.07 -21.70 -1.10
O13 QQ7 V . -17.19 -20.59 -1.60
N27 QQ7 V . -15.88 -22.26 -0.67
O QQ7 V . -16.26 -26.43 -2.13
N QQ7 V . -15.50 -24.66 -0.88
C38 QQ7 V . -16.06 -23.57 -0.11
C39 QQ7 V . -20.38 -21.58 -9.39
C40 QQ7 V . -20.14 -25.21 -9.84
C41 QQ7 V . -14.13 -25.07 -0.81
C QQ7 V . -14.63 -21.53 -0.65
C1 GOL W . -2.92 -10.91 20.88
O1 GOL W . -2.65 -11.77 21.98
C2 GOL W . -2.85 -9.45 21.41
O2 GOL W . -3.83 -9.23 22.36
C3 GOL W . -2.97 -8.49 20.19
O3 GOL W . -4.13 -8.81 19.42
C1 GOL X . -9.69 -17.42 8.13
O1 GOL X . -10.17 -17.83 6.86
C2 GOL X . -10.89 -17.35 9.14
O2 GOL X . -11.86 -16.47 8.67
C3 GOL X . -11.44 -18.81 9.34
O3 GOL X . -12.32 -18.83 10.45
NA NA Y . -14.66 -28.03 -2.81
N01 QQ7 Z . -18.95 17.55 -2.75
C01 QQ7 Z . -19.35 17.56 -4.15
C02 QQ7 Z . -18.03 17.90 -4.89
N02 QQ7 Z . -20.24 18.63 -4.54
N03 QQ7 Z . -17.07 18.05 -3.81
N04 QQ7 Z . -18.36 19.12 -5.60
C03 QQ7 Z . -15.64 18.11 -4.02
C04 QQ7 Z . -19.76 17.00 -1.68
C05 QQ7 Z . -17.63 17.84 -2.59
C06 QQ7 Z . -17.52 19.71 -6.63
C07 QQ7 Z . -21.65 18.64 -4.26
C08 QQ7 Z . -19.64 19.53 -5.38
O01 QQ7 Z . -17.02 17.77 -1.53
O02 QQ7 Z . -20.19 20.50 -5.90
N05 QQ7 Z . -15.12 19.41 -4.36
N06 QQ7 Z . -16.43 20.50 -6.11
C09 QQ7 Z . -15.16 19.98 -5.70
C10 QQ7 Z . -14.29 20.11 -3.53
C11 QQ7 Z . -16.45 21.87 -6.14
O03 QQ7 Z . -17.39 22.57 -6.49
N07 QQ7 Z . -15.19 22.32 -5.86
O04 QQ7 Z . -13.97 19.79 -2.40
N08 QQ7 Z . -13.77 21.17 -4.23
C12 QQ7 Z . -14.27 21.23 -5.59
C13 QQ7 Z . -14.77 23.69 -6.11
C14 QQ7 Z . -12.68 21.98 -3.73
N09 QQ7 Z . -13.07 23.30 -3.29
N10 QQ7 Z . -14.51 24.46 -4.91
N11 QQ7 Z . -20.77 17.90 -1.15
N12 QQ7 Z . -21.97 19.06 -2.92
C15 QQ7 Z . -13.25 24.43 -4.19
C16 QQ7 Z . -15.32 25.49 -4.51
C17 QQ7 Z . -13.09 23.67 -1.98
O05 QQ7 Z . -16.41 25.75 -4.98
N13 QQ7 Z . -14.66 26.20 -3.54
O06 QQ7 Z . -12.87 22.93 -1.04
N14 QQ7 Z . -13.28 25.02 -1.91
C18 QQ7 Z . -13.37 25.63 -3.22
C19 QQ7 Z . -22.04 18.16 -1.78
C20 QQ7 Z . -20.71 18.42 0.12
C21 QQ7 Z . -22.51 20.28 -2.65
O07 QQ7 Z . -22.59 21.21 -3.43
N15 QQ7 Z . -23.03 20.25 -1.39
O08 QQ7 Z . -19.77 18.31 0.89
N16 QQ7 Z . -21.90 19.02 0.39
C22 QQ7 Z . -22.81 18.98 -0.73
N17 QQ7 Z . -23.39 22.13 0.10
N18 QQ7 Z . -22.28 20.89 1.92
C23 QQ7 Z . -23.11 23.44 -0.13
C24 QQ7 Z . -23.34 21.80 1.51
C25 QQ7 Z . -21.34 21.50 2.69
O09 QQ7 Z . -20.44 20.93 3.28
N19 QQ7 Z . -21.68 22.81 2.83
O10 QQ7 Z . -23.23 24.00 -1.20
N20 QQ7 Z . -22.84 24.05 1.06
C26 QQ7 Z . -20.94 23.72 3.69
C27 QQ7 Z . -22.93 23.14 2.18
C28 QQ7 Z . -22.71 25.49 1.17
N21 QQ7 Z . -20.15 24.70 3.00
N22 QQ7 Z . -21.35 25.98 1.31
C29 QQ7 Z . -18.80 24.56 2.80
C30 QQ7 Z . -20.63 25.99 2.56
C31 QQ7 Z . -20.70 26.63 0.30
O11 QQ7 Z . -21.11 26.81 -0.82
N23 QQ7 Z . -19.54 27.15 0.83
O12 QQ7 Z . -18.15 23.54 3.00
N24 QQ7 Z . -18.29 25.77 2.43
C32 QQ7 Z . -18.74 28.13 0.12
C33 QQ7 Z . -16.87 26.09 2.54
C34 QQ7 Z . -19.33 26.76 2.20
N25 QQ7 Z . -16.18 26.33 1.29
N26 QQ7 Z . -17.46 27.66 -0.33
C35 QQ7 Z . -15.11 25.55 0.90
C36 QQ7 Z . -16.29 27.54 0.52
C37 QQ7 Z . -17.16 27.53 -1.65
O13 QQ7 Z . -17.95 27.61 -2.58
N27 QQ7 Z . -15.80 27.42 -1.78
O QQ7 Z . -14.73 24.53 1.44
N QQ7 Z . -14.48 26.19 -0.13
C38 QQ7 Z . -15.12 27.43 -0.50
C39 QQ7 Z . -23.94 21.26 -0.91
C40 QQ7 Z . -22.30 19.45 1.72
C41 QQ7 Z . -13.20 25.75 -0.66
C QQ7 Z . -15.13 27.48 -3.06
C1 GOL AA . -19.53 -10.31 -2.25
O1 GOL AA . -19.77 -9.09 -1.58
C2 GOL AA . -20.83 -10.85 -2.92
O2 GOL AA . -21.75 -11.29 -1.98
C3 GOL AA . -21.43 -9.71 -3.80
O3 GOL AA . -22.56 -10.22 -4.49
C1 GOL BA . -20.59 6.12 -2.88
O1 GOL BA . -20.22 7.47 -2.73
C2 GOL BA . -21.69 5.80 -1.82
O2 GOL BA . -21.26 6.13 -0.54
C3 GOL BA . -22.96 6.58 -2.26
O3 GOL BA . -24.07 6.10 -1.54
C1 GOL CA . -33.25 4.08 18.04
O1 GOL CA . -33.51 3.49 16.79
C2 GOL CA . -33.78 5.54 17.97
O2 GOL CA . -35.08 5.60 17.49
C3 GOL CA . -33.67 6.07 19.42
O3 GOL CA . -34.39 7.26 19.47
#